data_3THU
#
_entry.id   3THU
#
_cell.length_a   124.799
_cell.length_b   124.799
_cell.length_c   343.092
_cell.angle_alpha   90.00
_cell.angle_beta   90.00
_cell.angle_gamma   90.00
#
_symmetry.space_group_name_H-M   'I 4 2 2'
#
loop_
_entity.id
_entity.type
_entity.pdbx_description
1 polymer 'Mandelate racemase / muconate lactonizing enzyme family protein'
2 non-polymer 'MAGNESIUM ION'
3 non-polymer 'CHLORIDE ION'
4 non-polymer GLYCEROL
5 non-polymer 'UNKNOWN ATOM OR ION'
6 water water
#
_entity_poly.entity_id   1
_entity_poly.type   'polypeptide(L)'
_entity_poly.pdbx_seq_one_letter_code
;MHHHHHHSSGVDLGTENLYFQSMMPKIIDAKVIITCPGRNFVTLKIMTDEGVYGLGDATLNGRELAVASYLTDHVIPCLI
GRDAHRIEDLWQYLYKGAYWRRGPVTMTAIAAVDMALWDIKGKIAGLPVYQLLGGASREGVMVYGHANGTTIEDTVKVAL
DYQAQGYKAIRLQCGVPGMASTYGVSKDKYFYEPADADLPTENIWNTSKYLRIVPELFKAARESLGWDVHLLHDIHHRLT
PIEAGRLGQDLEPYRPFWLEDATPAENQEAFRLIRQHTTAPLAVGEIFNSIWDAKDLIQNQLIDYIRATVVHAGGITHLR
RIAALADLYQIRTGCHGATDLSPVCMAAALHFDLSVPNFGIQEYMRHMPETDAVFPHAYTFADGMMHPGDQPGLGVDIDE
DLAAGYEYKRAFLPVNRLEDGTMFNW
;
_entity_poly.pdbx_strand_id   A,B,C
#
loop_
_chem_comp.id
_chem_comp.type
_chem_comp.name
_chem_comp.formula
CL non-polymer 'CHLORIDE ION' 'Cl -1'
GOL non-polymer GLYCEROL 'C3 H8 O3'
MG non-polymer 'MAGNESIUM ION' 'Mg 2'
UNX non-polymer 'UNKNOWN ATOM OR ION' ?
#
# COMPACT_ATOMS: atom_id res chain seq x y z
N SER A 22 5.87 -17.33 -50.67
CA SER A 22 5.26 -18.65 -50.67
C SER A 22 3.73 -18.56 -50.59
N MET A 23 3.24 -18.11 -49.44
CA MET A 23 1.81 -17.88 -49.25
C MET A 23 1.30 -16.77 -50.16
N MET A 24 0.28 -17.08 -50.96
CA MET A 24 -0.32 -16.11 -51.88
C MET A 24 -1.82 -16.00 -51.66
N PRO A 25 -2.20 -15.24 -50.62
CA PRO A 25 -3.59 -15.23 -50.13
C PRO A 25 -4.51 -14.38 -50.99
N LYS A 26 -5.69 -14.92 -51.26
CA LYS A 26 -6.73 -14.16 -51.94
C LYS A 26 -7.80 -13.79 -50.91
N ILE A 27 -8.38 -12.61 -51.05
CA ILE A 27 -9.47 -12.20 -50.18
C ILE A 27 -10.70 -13.05 -50.45
N ILE A 28 -11.27 -13.66 -49.41
CA ILE A 28 -12.46 -14.49 -49.60
C ILE A 28 -13.71 -13.87 -48.98
N ASP A 29 -13.51 -12.99 -48.00
CA ASP A 29 -14.61 -12.34 -47.33
C ASP A 29 -14.10 -11.14 -46.56
N ALA A 30 -14.99 -10.19 -46.30
CA ALA A 30 -14.66 -9.05 -45.47
C ALA A 30 -15.94 -8.59 -44.83
N LYS A 31 -15.85 -8.02 -43.63
CA LYS A 31 -17.05 -7.53 -42.98
C LYS A 31 -16.77 -6.35 -42.06
N VAL A 32 -17.81 -5.57 -41.83
CA VAL A 32 -17.75 -4.43 -40.95
C VAL A 32 -18.34 -4.80 -39.59
N ILE A 33 -17.57 -4.58 -38.54
CA ILE A 33 -18.03 -4.80 -37.18
C ILE A 33 -18.25 -3.46 -36.50
N ILE A 34 -19.43 -3.27 -35.93
CA ILE A 34 -19.77 -2.02 -35.26
C ILE A 34 -20.02 -2.31 -33.78
N THR A 35 -19.41 -1.51 -32.91
CA THR A 35 -19.47 -1.78 -31.47
C THR A 35 -19.36 -0.49 -30.67
N CYS A 36 -19.89 -0.48 -29.45
CA CYS A 36 -19.86 0.75 -28.65
C CYS A 36 -19.41 0.50 -27.21
N PRO A 37 -18.15 0.09 -27.01
CA PRO A 37 -17.60 -0.12 -25.67
C PRO A 37 -17.15 1.19 -25.01
N GLY A 38 -18.11 2.05 -24.68
CA GLY A 38 -17.77 3.36 -24.15
C GLY A 38 -17.90 4.46 -25.18
N ARG A 39 -17.69 4.11 -26.44
CA ARG A 39 -18.04 4.97 -27.58
C ARG A 39 -18.06 4.14 -28.85
N ASN A 40 -18.60 4.69 -29.94
CA ASN A 40 -18.74 3.96 -31.19
C ASN A 40 -17.39 3.71 -31.90
N PHE A 41 -17.19 2.48 -32.37
CA PHE A 41 -16.07 2.15 -33.23
C PHE A 41 -16.55 1.29 -34.39
N VAL A 42 -16.01 1.56 -35.57
CA VAL A 42 -16.29 0.75 -36.75
C VAL A 42 -15.00 0.14 -37.24
N THR A 43 -15.02 -1.17 -37.46
CA THR A 43 -13.81 -1.92 -37.79
C THR A 43 -14.07 -2.79 -39.00
N LEU A 44 -13.08 -2.83 -39.89
CA LEU A 44 -13.13 -3.70 -41.07
C LEU A 44 -12.26 -4.93 -40.82
N LYS A 45 -12.81 -6.11 -41.09
CA LYS A 45 -12.02 -7.35 -41.00
C LYS A 45 -11.95 -7.99 -42.38
N ILE A 46 -10.75 -8.21 -42.88
CA ILE A 46 -10.53 -8.84 -44.17
C ILE A 46 -9.96 -10.23 -43.99
N MET A 47 -10.67 -11.24 -44.49
N MET A 47 -10.64 -11.22 -44.55
CA MET A 47 -10.22 -12.63 -44.36
CA MET A 47 -10.28 -12.61 -44.40
C MET A 47 -9.69 -13.14 -45.69
C MET A 47 -9.73 -13.19 -45.71
N THR A 48 -8.60 -13.90 -45.63
CA THR A 48 -8.04 -14.52 -46.84
C THR A 48 -8.23 -16.04 -46.81
N ASP A 49 -8.02 -16.67 -47.96
CA ASP A 49 -8.22 -18.11 -48.09
C ASP A 49 -7.16 -18.93 -47.38
N GLU A 50 -6.08 -18.28 -46.96
CA GLU A 50 -5.03 -18.92 -46.17
C GLU A 50 -5.35 -18.90 -44.69
N GLY A 51 -6.42 -18.22 -44.31
CA GLY A 51 -6.81 -18.11 -42.92
C GLY A 51 -6.23 -16.89 -42.22
N VAL A 52 -5.27 -16.23 -42.85
CA VAL A 52 -4.73 -14.99 -42.30
C VAL A 52 -5.75 -13.87 -42.51
N TYR A 53 -6.00 -13.06 -41.48
CA TYR A 53 -6.87 -11.89 -41.62
C TYR A 53 -6.21 -10.59 -41.20
N GLY A 54 -6.81 -9.48 -41.59
CA GLY A 54 -6.32 -8.17 -41.20
C GLY A 54 -7.44 -7.29 -40.70
N LEU A 55 -7.09 -6.32 -39.86
CA LEU A 55 -8.06 -5.40 -39.30
C LEU A 55 -7.70 -3.95 -39.68
N GLY A 56 -8.73 -3.14 -39.87
CA GLY A 56 -8.57 -1.72 -40.16
C GLY A 56 -9.63 -0.91 -39.44
N ASP A 57 -9.22 0.19 -38.83
CA ASP A 57 -10.17 1.12 -38.22
C ASP A 57 -10.91 1.88 -39.32
N ALA A 58 -12.21 2.08 -39.14
CA ALA A 58 -13.03 2.80 -40.11
C ALA A 58 -13.94 3.81 -39.41
N THR A 59 -13.57 4.19 -38.19
CA THR A 59 -14.41 5.04 -37.35
C THR A 59 -14.33 6.51 -37.78
N LEU A 60 -15.48 7.09 -38.05
CA LEU A 60 -15.55 8.51 -38.39
C LEU A 60 -16.55 9.18 -37.45
N ASN A 61 -16.01 9.79 -36.40
CA ASN A 61 -16.80 10.29 -35.27
C ASN A 61 -18.00 11.15 -35.68
N GLY A 62 -19.21 10.71 -35.30
CA GLY A 62 -20.41 11.49 -35.55
C GLY A 62 -21.04 11.20 -36.90
N ARG A 63 -20.35 10.44 -37.73
CA ARG A 63 -20.88 10.06 -39.05
C ARG A 63 -20.58 8.59 -39.31
N GLU A 64 -20.56 7.79 -38.25
CA GLU A 64 -19.99 6.44 -38.33
C GLU A 64 -20.65 5.53 -39.35
N LEU A 65 -21.98 5.62 -39.47
CA LEU A 65 -22.71 4.64 -40.27
C LEU A 65 -22.59 4.91 -41.77
N ALA A 66 -22.21 6.13 -42.14
CA ALA A 66 -21.93 6.44 -43.54
C ALA A 66 -20.72 5.66 -44.08
N VAL A 67 -19.68 5.55 -43.26
CA VAL A 67 -18.51 4.74 -43.62
C VAL A 67 -18.84 3.22 -43.61
N ALA A 68 -19.58 2.79 -42.60
CA ALA A 68 -19.98 1.38 -42.55
C ALA A 68 -20.72 0.99 -43.84
N SER A 69 -21.62 1.86 -44.31
CA SER A 69 -22.34 1.60 -45.55
C SER A 69 -21.43 1.69 -46.78
N TYR A 70 -20.57 2.72 -46.83
CA TYR A 70 -19.59 2.85 -47.90
C TYR A 70 -18.81 1.53 -48.06
N LEU A 71 -18.40 0.95 -46.94
CA LEU A 71 -17.67 -0.32 -46.96
C LEU A 71 -18.58 -1.51 -47.31
N THR A 72 -19.62 -1.72 -46.51
CA THR A 72 -20.46 -2.92 -46.65
C THR A 72 -21.14 -3.01 -48.02
N ASP A 73 -21.68 -1.88 -48.48
CA ASP A 73 -22.49 -1.86 -49.69
C ASP A 73 -21.70 -1.66 -50.98
N HIS A 74 -20.49 -1.11 -50.88
CA HIS A 74 -19.78 -0.72 -52.10
C HIS A 74 -18.36 -1.24 -52.21
N VAL A 75 -17.53 -0.98 -51.20
CA VAL A 75 -16.14 -1.41 -51.25
C VAL A 75 -15.96 -2.91 -51.10
N ILE A 76 -16.62 -3.49 -50.10
CA ILE A 76 -16.37 -4.90 -49.81
C ILE A 76 -16.65 -5.83 -51.01
N PRO A 77 -17.79 -5.63 -51.69
CA PRO A 77 -18.02 -6.47 -52.87
C PRO A 77 -16.85 -6.46 -53.86
N CYS A 78 -16.15 -5.34 -53.97
CA CYS A 78 -15.02 -5.24 -54.92
C CYS A 78 -13.73 -5.88 -54.39
N LEU A 79 -13.66 -6.13 -53.09
CA LEU A 79 -12.47 -6.74 -52.50
C LEU A 79 -12.40 -8.22 -52.79
N ILE A 80 -13.55 -8.88 -52.90
CA ILE A 80 -13.57 -10.33 -52.97
C ILE A 80 -12.78 -10.85 -54.16
N GLY A 81 -11.89 -11.81 -53.90
CA GLY A 81 -11.13 -12.43 -54.96
C GLY A 81 -9.78 -11.79 -55.25
N ARG A 82 -9.51 -10.64 -54.65
CA ARG A 82 -8.26 -9.92 -54.94
C ARG A 82 -7.04 -10.49 -54.22
N ASP A 83 -5.88 -10.24 -54.83
CA ASP A 83 -4.59 -10.62 -54.28
C ASP A 83 -4.28 -9.69 -53.12
N ALA A 84 -4.30 -10.23 -51.90
CA ALA A 84 -4.07 -9.42 -50.70
C ALA A 84 -2.69 -8.78 -50.63
N HIS A 85 -1.73 -9.31 -51.39
CA HIS A 85 -0.38 -8.77 -51.41
C HIS A 85 -0.36 -7.42 -52.12
N ARG A 86 -1.35 -7.17 -52.97
CA ARG A 86 -1.31 -5.98 -53.82
C ARG A 86 -1.92 -4.77 -53.14
N ILE A 87 -1.17 -4.22 -52.19
CA ILE A 87 -1.68 -3.14 -51.37
C ILE A 87 -1.85 -1.87 -52.19
N GLU A 88 -0.80 -1.48 -52.90
CA GLU A 88 -0.86 -0.28 -53.74
C GLU A 88 -1.98 -0.37 -54.77
N ASP A 89 -2.10 -1.53 -55.41
CA ASP A 89 -3.12 -1.69 -56.45
C ASP A 89 -4.51 -1.48 -55.90
N LEU A 90 -4.80 -2.02 -54.72
CA LEU A 90 -6.14 -1.85 -54.14
C LEU A 90 -6.37 -0.41 -53.69
N TRP A 91 -5.33 0.23 -53.16
CA TRP A 91 -5.42 1.63 -52.76
C TRP A 91 -5.82 2.45 -53.98
N GLN A 92 -5.08 2.30 -55.08
CA GLN A 92 -5.37 3.07 -56.30
C GLN A 92 -6.75 2.72 -56.89
N TYR A 93 -7.08 1.43 -56.86
CA TYR A 93 -8.35 0.95 -57.36
C TYR A 93 -9.51 1.62 -56.64
N LEU A 94 -9.41 1.73 -55.32
CA LEU A 94 -10.49 2.35 -54.54
C LEU A 94 -10.47 3.87 -54.67
N TYR A 95 -9.27 4.45 -54.64
CA TYR A 95 -9.14 5.91 -54.73
C TYR A 95 -9.60 6.45 -56.09
N LYS A 96 -9.03 5.91 -57.16
CA LYS A 96 -9.41 6.34 -58.51
C LYS A 96 -10.78 5.80 -58.90
N GLY A 97 -11.03 4.54 -58.53
CA GLY A 97 -12.20 3.83 -59.01
C GLY A 97 -13.53 4.34 -58.46
N ALA A 98 -13.50 4.98 -57.30
CA ALA A 98 -14.71 5.59 -56.73
C ALA A 98 -15.27 6.68 -57.65
N TYR A 99 -14.40 7.21 -58.50
CA TYR A 99 -14.71 8.32 -59.41
C TYR A 99 -14.83 9.66 -58.70
N TRP A 100 -15.68 9.72 -57.67
CA TRP A 100 -15.79 10.90 -56.82
C TRP A 100 -14.66 10.82 -55.80
N ARG A 101 -13.67 11.71 -55.92
CA ARG A 101 -12.42 11.53 -55.18
C ARG A 101 -12.34 12.30 -53.87
N ARG A 102 -11.55 11.76 -52.93
CA ARG A 102 -11.24 12.40 -51.66
C ARG A 102 -12.47 12.40 -50.74
N GLY A 103 -12.36 13.04 -49.59
CA GLY A 103 -13.48 13.18 -48.69
C GLY A 103 -13.37 12.30 -47.44
N PRO A 104 -14.03 12.72 -46.35
CA PRO A 104 -13.88 12.00 -45.09
C PRO A 104 -14.45 10.59 -45.11
N VAL A 105 -15.61 10.38 -45.75
CA VAL A 105 -16.18 9.02 -45.77
C VAL A 105 -15.36 8.12 -46.70
N THR A 106 -15.08 8.63 -47.89
CA THR A 106 -14.28 7.94 -48.89
C THR A 106 -12.91 7.50 -48.36
N MET A 107 -12.17 8.44 -47.79
CA MET A 107 -10.78 8.17 -47.43
C MET A 107 -10.65 7.33 -46.16
N THR A 108 -11.66 7.38 -45.31
CA THR A 108 -11.69 6.52 -44.12
C THR A 108 -11.95 5.07 -44.52
N ALA A 109 -12.85 4.88 -45.49
CA ALA A 109 -13.06 3.52 -46.00
C ALA A 109 -11.77 2.98 -46.64
N ILE A 110 -11.10 3.81 -47.43
CA ILE A 110 -9.84 3.41 -48.05
C ILE A 110 -8.74 3.10 -47.02
N ALA A 111 -8.67 3.91 -45.96
CA ALA A 111 -7.71 3.71 -44.88
C ALA A 111 -7.92 2.36 -44.22
N ALA A 112 -9.18 2.00 -44.01
CA ALA A 112 -9.51 0.76 -43.32
C ALA A 112 -9.00 -0.45 -44.10
N VAL A 113 -9.27 -0.45 -45.40
CA VAL A 113 -8.73 -1.48 -46.28
C VAL A 113 -7.20 -1.49 -46.24
N ASP A 114 -6.60 -0.32 -46.35
CA ASP A 114 -5.14 -0.21 -46.38
C ASP A 114 -4.47 -0.75 -45.10
N MET A 115 -4.99 -0.34 -43.95
CA MET A 115 -4.50 -0.82 -42.66
C MET A 115 -4.59 -2.34 -42.57
N ALA A 116 -5.74 -2.87 -42.97
CA ALA A 116 -5.99 -4.31 -42.91
C ALA A 116 -5.03 -5.07 -43.83
N LEU A 117 -4.72 -4.50 -44.99
CA LEU A 117 -3.79 -5.16 -45.89
C LEU A 117 -2.36 -5.14 -45.38
N TRP A 118 -1.94 -4.03 -44.76
CA TRP A 118 -0.62 -3.99 -44.13
C TRP A 118 -0.53 -4.97 -42.96
N ASP A 119 -1.63 -5.11 -42.21
CA ASP A 119 -1.72 -6.07 -41.11
C ASP A 119 -1.44 -7.47 -41.67
N ILE A 120 -2.16 -7.81 -42.73
CA ILE A 120 -1.96 -9.09 -43.43
C ILE A 120 -0.53 -9.28 -43.95
N LYS A 121 0.02 -8.24 -44.56
CA LYS A 121 1.39 -8.29 -45.07
C LYS A 121 2.40 -8.64 -43.97
N GLY A 122 2.25 -8.01 -42.81
CA GLY A 122 3.13 -8.27 -41.70
C GLY A 122 3.00 -9.71 -41.21
N LYS A 123 1.76 -10.18 -41.13
CA LYS A 123 1.51 -11.56 -40.70
C LYS A 123 2.13 -12.56 -41.66
N ILE A 124 2.01 -12.30 -42.96
CA ILE A 124 2.63 -13.16 -43.96
C ILE A 124 4.16 -13.15 -43.87
N ALA A 125 4.72 -11.97 -43.62
CA ALA A 125 6.15 -11.81 -43.51
C ALA A 125 6.69 -12.28 -42.17
N GLY A 126 5.80 -12.50 -41.21
CA GLY A 126 6.18 -12.80 -39.84
C GLY A 126 6.89 -11.62 -39.15
N LEU A 127 6.56 -10.39 -39.56
CA LEU A 127 7.20 -9.21 -38.99
C LEU A 127 6.17 -8.17 -38.54
N PRO A 128 6.48 -7.40 -37.48
CA PRO A 128 5.64 -6.26 -37.15
C PRO A 128 5.67 -5.25 -38.29
N VAL A 129 4.60 -4.49 -38.47
CA VAL A 129 4.49 -3.58 -39.60
C VAL A 129 5.66 -2.58 -39.68
N TYR A 130 6.14 -2.06 -38.56
CA TYR A 130 7.22 -1.07 -38.64
C TYR A 130 8.45 -1.61 -39.37
N GLN A 131 8.64 -2.93 -39.34
CA GLN A 131 9.80 -3.53 -40.00
C GLN A 131 9.67 -3.49 -41.53
N LEU A 132 8.44 -3.31 -42.02
CA LEU A 132 8.19 -3.21 -43.46
C LEU A 132 8.31 -1.77 -43.95
N LEU A 133 8.34 -0.83 -43.02
CA LEU A 133 8.33 0.59 -43.36
C LEU A 133 9.68 1.23 -43.13
N GLY A 134 10.75 0.44 -43.22
CA GLY A 134 12.09 0.97 -43.03
C GLY A 134 12.75 0.58 -41.72
N GLY A 135 12.00 -0.08 -40.83
CA GLY A 135 12.53 -0.43 -39.53
C GLY A 135 12.39 0.71 -38.54
N ALA A 136 12.86 0.50 -37.31
CA ALA A 136 12.73 1.52 -36.27
C ALA A 136 13.70 2.67 -36.47
N SER A 137 13.18 3.90 -36.44
CA SER A 137 14.02 5.10 -36.50
C SER A 137 14.30 5.61 -35.10
N ARG A 138 13.64 5.03 -34.12
CA ARG A 138 13.75 5.50 -32.74
C ARG A 138 13.40 4.38 -31.77
N GLU A 139 13.73 4.58 -30.51
CA GLU A 139 13.52 3.53 -29.51
C GLU A 139 12.10 3.51 -28.93
N GLY A 140 11.38 4.61 -29.09
CA GLY A 140 10.03 4.71 -28.56
C GLY A 140 9.37 5.94 -29.11
N VAL A 141 8.08 6.12 -28.82
CA VAL A 141 7.28 7.19 -29.43
C VAL A 141 6.77 8.16 -28.35
N MET A 142 7.28 9.38 -28.38
CA MET A 142 6.85 10.39 -27.40
C MET A 142 5.39 10.77 -27.61
N VAL A 143 4.62 10.81 -26.54
CA VAL A 143 3.21 11.20 -26.65
C VAL A 143 2.89 12.45 -25.83
N TYR A 144 1.74 13.06 -26.08
CA TYR A 144 1.24 14.08 -25.17
C TYR A 144 -0.11 13.69 -24.59
N GLY A 145 -0.33 14.14 -23.36
CA GLY A 145 -1.59 13.93 -22.68
C GLY A 145 -2.36 15.23 -22.60
N HIS A 146 -3.49 15.20 -21.90
CA HIS A 146 -4.43 16.30 -21.98
C HIS A 146 -4.85 16.87 -20.63
N ALA A 147 -4.28 18.00 -20.24
CA ALA A 147 -4.65 18.65 -19.00
C ALA A 147 -5.75 19.66 -19.26
N ASN A 148 -6.88 19.49 -18.59
CA ASN A 148 -7.93 20.49 -18.71
C ASN A 148 -8.53 20.86 -17.37
N GLY A 149 -8.99 22.10 -17.25
CA GLY A 149 -9.62 22.55 -16.02
C GLY A 149 -10.49 23.76 -16.25
N THR A 150 -11.44 23.99 -15.35
CA THR A 150 -12.33 25.14 -15.49
C THR A 150 -11.55 26.45 -15.33
N THR A 151 -10.73 26.52 -14.28
CA THR A 151 -9.86 27.68 -14.08
C THR A 151 -8.43 27.36 -14.51
N ILE A 152 -7.63 28.42 -14.66
CA ILE A 152 -6.21 28.24 -14.94
C ILE A 152 -5.55 27.44 -13.82
N GLU A 153 -5.84 27.81 -12.57
CA GLU A 153 -5.31 27.05 -11.43
C GLU A 153 -5.63 25.55 -11.51
N ASP A 154 -6.87 25.20 -11.87
CA ASP A 154 -7.29 23.80 -12.02
C ASP A 154 -6.48 23.11 -13.10
N THR A 155 -6.30 23.83 -14.22
CA THR A 155 -5.61 23.29 -15.37
C THR A 155 -4.14 23.02 -15.02
N VAL A 156 -3.51 23.98 -14.35
CA VAL A 156 -2.09 23.82 -14.00
C VAL A 156 -1.90 22.69 -12.99
N LYS A 157 -2.83 22.55 -12.04
CA LYS A 157 -2.77 21.43 -11.09
C LYS A 157 -2.82 20.08 -11.82
N VAL A 158 -3.69 19.95 -12.82
CA VAL A 158 -3.77 18.71 -13.57
C VAL A 158 -2.47 18.49 -14.34
N ALA A 159 -1.94 19.57 -14.92
CA ALA A 159 -0.71 19.48 -15.69
C ALA A 159 0.46 18.97 -14.83
N LEU A 160 0.50 19.43 -13.57
CA LEU A 160 1.55 19.00 -12.64
C LEU A 160 1.48 17.49 -12.41
N ASP A 161 0.27 16.95 -12.39
CA ASP A 161 0.04 15.52 -12.23
C ASP A 161 0.54 14.77 -13.46
N TYR A 162 0.15 15.22 -14.65
CA TYR A 162 0.68 14.61 -15.88
C TYR A 162 2.20 14.64 -15.92
N GLN A 163 2.79 15.77 -15.54
CA GLN A 163 4.25 15.91 -15.55
C GLN A 163 4.90 14.90 -14.59
N ALA A 164 4.35 14.79 -13.39
CA ALA A 164 4.81 13.80 -12.42
C ALA A 164 4.70 12.37 -12.94
N GLN A 165 3.62 12.08 -13.66
CA GLN A 165 3.42 10.76 -14.26
C GLN A 165 4.42 10.45 -15.37
N GLY A 166 5.24 11.42 -15.74
CA GLY A 166 6.28 11.20 -16.72
C GLY A 166 5.96 11.63 -18.16
N TYR A 167 4.85 12.33 -18.35
CA TYR A 167 4.59 12.89 -19.67
C TYR A 167 5.60 13.99 -19.98
N LYS A 168 6.19 13.94 -21.17
CA LYS A 168 7.18 14.93 -21.58
C LYS A 168 6.49 16.10 -22.27
N ALA A 169 5.21 15.93 -22.57
CA ALA A 169 4.46 16.90 -23.36
C ALA A 169 3.02 16.86 -22.90
N ILE A 170 2.40 18.04 -22.79
CA ILE A 170 1.08 18.14 -22.19
C ILE A 170 0.29 19.23 -22.90
N ARG A 171 -0.92 18.91 -23.34
CA ARG A 171 -1.80 19.92 -23.89
C ARG A 171 -2.56 20.61 -22.75
N LEU A 172 -2.66 21.94 -22.82
CA LEU A 172 -3.36 22.74 -21.82
C LEU A 172 -4.64 23.34 -22.40
N GLN A 173 -5.79 23.06 -21.80
CA GLN A 173 -7.02 23.75 -22.18
C GLN A 173 -7.73 24.22 -20.91
N CYS A 174 -8.11 25.50 -20.85
CA CYS A 174 -8.82 26.00 -19.67
C CYS A 174 -10.14 26.64 -20.06
N GLY A 175 -10.99 26.85 -19.09
CA GLY A 175 -12.26 27.50 -19.34
C GLY A 175 -12.06 28.96 -19.71
N VAL A 176 -13.03 29.53 -20.39
CA VAL A 176 -13.01 30.96 -20.69
C VAL A 176 -13.92 31.64 -19.67
N PRO A 177 -13.35 32.54 -18.86
CA PRO A 177 -14.18 33.11 -17.78
C PRO A 177 -15.41 33.81 -18.35
N GLY A 178 -16.57 33.52 -17.77
CA GLY A 178 -17.82 34.11 -18.22
C GLY A 178 -18.55 33.27 -19.26
N MET A 179 -17.91 32.20 -19.73
CA MET A 179 -18.50 31.37 -20.78
C MET A 179 -18.75 29.95 -20.25
N ALA A 180 -19.97 29.45 -20.46
CA ALA A 180 -20.37 28.16 -19.89
C ALA A 180 -19.55 26.97 -20.37
N SER A 181 -19.02 27.04 -21.58
CA SER A 181 -18.23 25.94 -22.13
C SER A 181 -17.17 26.42 -23.11
N THR A 182 -16.20 25.55 -23.38
CA THR A 182 -15.22 25.80 -24.43
C THR A 182 -14.59 24.48 -24.86
N TYR A 183 -13.91 24.47 -26.00
CA TYR A 183 -13.31 23.22 -26.46
C TYR A 183 -12.32 22.64 -25.44
N GLY A 184 -12.43 21.33 -25.19
CA GLY A 184 -11.41 20.62 -24.44
C GLY A 184 -11.54 20.59 -22.92
N VAL A 185 -12.53 21.29 -22.39
CA VAL A 185 -12.74 21.31 -20.94
C VAL A 185 -13.97 20.51 -20.54
N SER A 186 -13.77 19.51 -19.68
CA SER A 186 -14.87 18.67 -19.21
C SER A 186 -14.50 17.97 -17.91
N LYS A 187 -15.41 17.12 -17.41
CA LYS A 187 -15.18 16.40 -16.16
C LYS A 187 -14.19 15.23 -16.29
N ASP A 188 -13.88 14.85 -17.53
CA ASP A 188 -12.93 13.77 -17.79
C ASP A 188 -11.49 14.26 -17.76
N LYS A 189 -10.59 13.46 -17.18
CA LYS A 189 -9.22 13.87 -16.91
C LYS A 189 -8.18 13.41 -17.94
N TYR A 190 -8.17 12.11 -18.24
CA TYR A 190 -7.15 11.56 -19.14
C TYR A 190 -7.60 11.50 -20.60
N PHE A 191 -8.79 12.02 -20.85
CA PHE A 191 -9.35 12.10 -22.20
C PHE A 191 -10.47 13.13 -22.25
N TYR A 192 -11.06 13.27 -23.43
CA TYR A 192 -12.14 14.23 -23.65
C TYR A 192 -13.09 13.60 -24.67
N GLU A 193 -14.32 13.33 -24.25
CA GLU A 193 -15.30 12.64 -25.10
C GLU A 193 -16.46 13.57 -25.53
N PRO A 194 -16.20 14.45 -26.50
CA PRO A 194 -17.15 15.49 -26.90
C PRO A 194 -18.44 15.01 -27.58
N ALA A 195 -18.40 13.87 -28.27
CA ALA A 195 -19.60 13.30 -28.86
C ALA A 195 -20.45 12.71 -27.75
N ASP A 196 -21.27 13.54 -27.13
CA ASP A 196 -21.83 13.20 -25.83
C ASP A 196 -23.35 13.17 -25.78
N ALA A 197 -23.98 13.31 -26.94
CA ALA A 197 -25.43 13.42 -26.96
C ALA A 197 -26.02 12.89 -28.24
N ASP A 198 -27.30 12.51 -28.20
CA ASP A 198 -27.95 11.92 -29.36
C ASP A 198 -28.39 12.99 -30.35
N LEU A 199 -28.20 14.25 -29.98
CA LEU A 199 -28.21 15.38 -30.92
C LEU A 199 -27.03 16.30 -30.58
N PRO A 200 -26.51 17.04 -31.57
CA PRO A 200 -25.32 17.86 -31.29
C PRO A 200 -25.55 18.87 -30.16
N THR A 201 -24.71 18.82 -29.14
CA THR A 201 -24.75 19.82 -28.07
C THR A 201 -24.38 21.20 -28.62
N GLU A 202 -25.17 22.21 -28.27
CA GLU A 202 -24.94 23.57 -28.74
C GLU A 202 -24.07 24.35 -27.75
N ASN A 203 -23.06 25.03 -28.27
CA ASN A 203 -22.19 25.83 -27.44
C ASN A 203 -22.20 27.28 -27.93
N ILE A 204 -21.78 28.19 -27.05
CA ILE A 204 -21.71 29.61 -27.36
C ILE A 204 -20.26 30.06 -27.24
N TRP A 205 -19.79 30.82 -28.24
CA TRP A 205 -18.37 31.18 -28.32
C TRP A 205 -18.16 32.69 -28.27
N ASN A 206 -17.09 33.11 -27.59
CA ASN A 206 -16.66 34.52 -27.54
C ASN A 206 -15.14 34.61 -27.78
N THR A 207 -14.74 35.16 -28.92
CA THR A 207 -13.33 35.22 -29.28
C THR A 207 -12.52 36.15 -28.41
N SER A 208 -13.07 37.32 -28.12
CA SER A 208 -12.34 38.31 -27.33
C SER A 208 -11.88 37.75 -25.98
N LYS A 209 -12.78 37.10 -25.26
CA LYS A 209 -12.44 36.59 -23.93
C LYS A 209 -11.38 35.49 -24.05
N TYR A 210 -11.49 34.68 -25.08
CA TYR A 210 -10.56 33.58 -25.29
C TYR A 210 -9.14 34.10 -25.56
N LEU A 211 -9.01 35.09 -26.44
CA LEU A 211 -7.69 35.62 -26.76
C LEU A 211 -6.95 36.15 -25.54
N ARG A 212 -7.69 36.64 -24.53
CA ARG A 212 -7.04 37.17 -23.33
C ARG A 212 -6.70 36.11 -22.28
N ILE A 213 -7.41 34.99 -22.28
CA ILE A 213 -7.17 33.97 -21.25
C ILE A 213 -5.97 33.06 -21.57
N VAL A 214 -5.75 32.71 -22.83
CA VAL A 214 -4.72 31.71 -23.13
C VAL A 214 -3.29 32.15 -22.71
N PRO A 215 -2.94 33.41 -22.94
CA PRO A 215 -1.60 33.81 -22.50
C PRO A 215 -1.45 33.73 -20.98
N GLU A 216 -2.53 33.96 -20.23
CA GLU A 216 -2.44 33.89 -18.78
C GLU A 216 -2.27 32.45 -18.32
N LEU A 217 -2.88 31.53 -19.07
CA LEU A 217 -2.76 30.10 -18.82
C LEU A 217 -1.31 29.65 -19.00
N PHE A 218 -0.70 30.05 -20.12
CA PHE A 218 0.68 29.64 -20.39
C PHE A 218 1.66 30.27 -19.41
N LYS A 219 1.41 31.51 -19.01
CA LYS A 219 2.24 32.17 -18.01
C LYS A 219 2.21 31.36 -16.71
N ALA A 220 1.02 31.04 -16.23
CA ALA A 220 0.87 30.26 -15.00
C ALA A 220 1.48 28.88 -15.13
N ALA A 221 1.36 28.28 -16.32
CA ALA A 221 1.89 26.94 -16.52
C ALA A 221 3.41 26.92 -16.42
N ARG A 222 4.08 27.86 -17.08
CA ARG A 222 5.53 27.92 -17.01
C ARG A 222 6.01 28.19 -15.58
N GLU A 223 5.26 29.01 -14.85
CA GLU A 223 5.62 29.30 -13.46
C GLU A 223 5.66 28.04 -12.58
N SER A 224 4.72 27.11 -12.81
CA SER A 224 4.65 25.90 -12.00
C SER A 224 5.37 24.68 -12.58
N LEU A 225 5.37 24.56 -13.90
N LEU A 225 5.35 24.53 -13.90
CA LEU A 225 5.87 23.36 -14.59
CA LEU A 225 5.89 23.34 -14.56
C LEU A 225 7.28 23.49 -15.14
C LEU A 225 7.36 23.49 -14.96
N GLY A 226 7.79 24.72 -15.20
CA GLY A 226 9.14 24.95 -15.69
C GLY A 226 9.21 24.88 -17.21
N TRP A 227 10.44 24.88 -17.73
CA TRP A 227 10.67 25.11 -19.15
C TRP A 227 11.08 23.90 -19.97
N ASP A 228 11.34 22.77 -19.33
CA ASP A 228 11.72 21.56 -20.05
C ASP A 228 10.53 20.84 -20.70
N VAL A 229 9.41 20.80 -20.00
CA VAL A 229 8.23 20.12 -20.48
C VAL A 229 7.69 20.81 -21.74
N HIS A 230 7.17 20.03 -22.67
CA HIS A 230 6.56 20.59 -23.88
C HIS A 230 5.11 20.92 -23.60
N LEU A 231 4.69 22.12 -23.97
CA LEU A 231 3.31 22.55 -23.69
C LEU A 231 2.58 22.86 -24.98
N LEU A 232 1.41 22.24 -25.17
CA LEU A 232 0.67 22.35 -26.43
C LEU A 232 -0.67 23.03 -26.20
N HIS A 233 -1.24 23.61 -27.25
CA HIS A 233 -2.58 24.18 -27.15
C HIS A 233 -3.32 24.03 -28.47
N ASP A 234 -4.61 23.67 -28.38
CA ASP A 234 -5.47 23.44 -29.53
C ASP A 234 -6.46 24.60 -29.60
N ILE A 235 -6.34 25.42 -30.65
CA ILE A 235 -7.20 26.57 -30.90
C ILE A 235 -8.55 26.10 -31.46
N HIS A 236 -8.55 24.91 -32.04
CA HIS A 236 -9.79 24.24 -32.49
C HIS A 236 -10.64 25.08 -33.46
N HIS A 237 -9.97 25.73 -34.40
CA HIS A 237 -10.60 26.32 -35.58
C HIS A 237 -11.32 27.64 -35.32
N ARG A 238 -11.06 28.27 -34.18
CA ARG A 238 -11.92 29.36 -33.72
C ARG A 238 -11.45 30.79 -33.98
N LEU A 239 -10.28 30.95 -34.62
CA LEU A 239 -9.75 32.28 -34.91
C LEU A 239 -9.68 32.59 -36.40
N THR A 240 -9.74 33.89 -36.75
CA THR A 240 -9.33 34.32 -38.09
C THR A 240 -7.80 34.36 -38.15
N PRO A 241 -7.24 34.42 -39.36
CA PRO A 241 -5.78 34.40 -39.45
C PRO A 241 -5.11 35.54 -38.67
N ILE A 242 -5.60 36.77 -38.79
CA ILE A 242 -4.91 37.86 -38.12
C ILE A 242 -5.05 37.77 -36.59
N GLU A 243 -6.15 37.16 -36.11
CA GLU A 243 -6.32 36.89 -34.69
C GLU A 243 -5.34 35.80 -34.22
N ALA A 244 -5.15 34.78 -35.04
CA ALA A 244 -4.19 33.71 -34.72
C ALA A 244 -2.76 34.23 -34.70
N GLY A 245 -2.45 35.15 -35.61
CA GLY A 245 -1.15 35.81 -35.62
C GLY A 245 -0.87 36.49 -34.29
N ARG A 246 -1.88 37.19 -33.77
CA ARG A 246 -1.79 37.89 -32.47
C ARG A 246 -1.63 36.90 -31.31
N LEU A 247 -2.45 35.84 -31.29
CA LEU A 247 -2.35 34.86 -30.20
C LEU A 247 -0.95 34.25 -30.21
N GLY A 248 -0.44 33.95 -31.40
CA GLY A 248 0.93 33.49 -31.55
C GLY A 248 1.93 34.44 -30.92
N GLN A 249 1.84 35.73 -31.28
CA GLN A 249 2.74 36.74 -30.70
C GLN A 249 2.66 36.74 -29.18
N ASP A 250 1.46 36.58 -28.66
CA ASP A 250 1.25 36.64 -27.21
C ASP A 250 1.76 35.39 -26.52
N LEU A 251 1.86 34.28 -27.24
CA LEU A 251 2.31 33.03 -26.62
C LEU A 251 3.81 32.74 -26.80
N GLU A 252 4.46 33.42 -27.75
CA GLU A 252 5.90 33.22 -27.95
C GLU A 252 6.75 33.22 -26.67
N PRO A 253 6.49 34.16 -25.74
CA PRO A 253 7.30 34.18 -24.52
C PRO A 253 7.32 32.85 -23.77
N TYR A 254 6.26 32.05 -23.93
CA TYR A 254 6.11 30.80 -23.17
C TYR A 254 6.52 29.57 -23.97
N ARG A 255 6.95 29.78 -25.21
CA ARG A 255 7.55 28.71 -26.01
C ARG A 255 6.69 27.46 -26.16
N PRO A 256 5.48 27.64 -26.70
CA PRO A 256 4.60 26.49 -26.95
C PRO A 256 5.21 25.52 -27.95
N PHE A 257 4.99 24.23 -27.73
CA PHE A 257 5.45 23.20 -28.65
C PHE A 257 4.72 23.34 -29.96
N TRP A 258 3.41 23.58 -29.86
CA TRP A 258 2.63 23.99 -31.01
C TRP A 258 1.33 24.68 -30.64
N LEU A 259 0.79 25.45 -31.60
CA LEU A 259 -0.56 25.97 -31.51
C LEU A 259 -1.30 25.31 -32.67
N GLU A 260 -2.37 24.59 -32.34
CA GLU A 260 -3.00 23.68 -33.29
C GLU A 260 -4.34 24.21 -33.85
N ASP A 261 -4.57 23.96 -35.14
CA ASP A 261 -5.83 24.29 -35.83
C ASP A 261 -6.24 25.75 -35.59
N ALA A 262 -5.33 26.65 -35.90
CA ALA A 262 -5.52 28.06 -35.56
C ALA A 262 -6.73 28.66 -36.26
N THR A 263 -6.95 28.26 -37.52
CA THR A 263 -8.02 28.85 -38.34
C THR A 263 -8.47 27.77 -39.34
N PRO A 264 -9.73 27.81 -39.77
CA PRO A 264 -10.16 26.83 -40.78
C PRO A 264 -9.24 26.86 -41.99
N ALA A 265 -8.91 25.69 -42.53
CA ALA A 265 -7.83 25.57 -43.51
C ALA A 265 -8.25 25.03 -44.89
N GLU A 266 -9.55 25.02 -45.18
CA GLU A 266 -9.99 24.68 -46.54
C GLU A 266 -9.30 25.57 -47.56
N ASN A 267 -9.16 26.85 -47.23
CA ASN A 267 -8.33 27.74 -48.02
C ASN A 267 -6.90 27.65 -47.49
N GLN A 268 -5.98 27.04 -48.23
CA GLN A 268 -4.65 26.82 -47.68
C GLN A 268 -3.83 28.09 -47.60
N GLU A 269 -4.35 29.19 -48.16
CA GLU A 269 -3.69 30.48 -47.97
C GLU A 269 -4.01 31.07 -46.61
N ALA A 270 -4.94 30.45 -45.88
CA ALA A 270 -5.40 31.03 -44.62
C ALA A 270 -4.32 31.13 -43.56
N PHE A 271 -3.27 30.31 -43.69
CA PHE A 271 -2.20 30.36 -42.71
C PHE A 271 -1.13 31.38 -43.05
N ARG A 272 -1.24 32.05 -44.20
CA ARG A 272 -0.18 32.98 -44.60
C ARG A 272 0.04 34.12 -43.60
N LEU A 273 -1.04 34.78 -43.18
CA LEU A 273 -0.91 35.91 -42.24
C LEU A 273 -0.42 35.46 -40.88
N ILE A 274 -0.76 34.22 -40.49
CA ILE A 274 -0.29 33.72 -39.21
C ILE A 274 1.23 33.58 -39.25
N ARG A 275 1.73 32.94 -40.29
CA ARG A 275 3.17 32.63 -40.42
C ARG A 275 3.98 33.91 -40.58
N GLN A 276 3.35 34.92 -41.16
CA GLN A 276 4.04 36.19 -41.36
C GLN A 276 4.30 36.88 -40.03
N HIS A 277 3.44 36.64 -39.04
CA HIS A 277 3.44 37.46 -37.84
C HIS A 277 3.89 36.76 -36.56
N THR A 278 4.03 35.44 -36.58
CA THR A 278 4.48 34.79 -35.36
C THR A 278 5.46 33.67 -35.65
N THR A 279 6.32 33.40 -34.67
CA THR A 279 7.24 32.28 -34.74
C THR A 279 6.76 31.14 -33.85
N ALA A 280 5.56 31.27 -33.27
CA ALA A 280 5.02 30.13 -32.52
C ALA A 280 4.82 28.98 -33.51
N PRO A 281 5.25 27.76 -33.13
CA PRO A 281 5.11 26.65 -34.08
C PRO A 281 3.64 26.31 -34.31
N LEU A 282 3.28 25.96 -35.54
CA LEU A 282 1.88 25.74 -35.91
C LEU A 282 1.65 24.29 -36.31
N ALA A 283 0.49 23.75 -35.93
CA ALA A 283 0.12 22.39 -36.30
C ALA A 283 -1.28 22.41 -36.89
N VAL A 284 -1.53 21.56 -37.88
CA VAL A 284 -2.89 21.45 -38.42
C VAL A 284 -3.08 20.09 -39.07
N GLY A 285 -4.32 19.66 -39.24
CA GLY A 285 -4.61 18.59 -40.18
C GLY A 285 -5.32 17.35 -39.68
N GLU A 286 -5.80 17.34 -38.44
CA GLU A 286 -6.51 16.15 -37.97
C GLU A 286 -7.72 15.84 -38.83
N ILE A 287 -8.35 16.87 -39.42
CA ILE A 287 -9.50 16.63 -40.26
C ILE A 287 -9.18 16.50 -41.76
N PHE A 288 -7.90 16.57 -42.13
CA PHE A 288 -7.48 16.37 -43.52
C PHE A 288 -7.65 14.91 -43.92
N ASN A 289 -8.05 14.65 -45.16
CA ASN A 289 -8.20 13.26 -45.60
C ASN A 289 -7.33 12.88 -46.77
N SER A 290 -6.53 13.82 -47.26
CA SER A 290 -5.56 13.50 -48.30
C SER A 290 -4.45 14.55 -48.36
N ILE A 291 -3.41 14.21 -49.10
CA ILE A 291 -2.25 15.08 -49.25
C ILE A 291 -2.69 16.39 -49.91
N TRP A 292 -3.77 16.34 -50.67
CA TRP A 292 -4.22 17.54 -51.39
C TRP A 292 -4.74 18.64 -50.48
N ASP A 293 -5.11 18.27 -49.25
CA ASP A 293 -5.55 19.24 -48.25
C ASP A 293 -4.37 19.98 -47.62
N ALA A 294 -3.16 19.47 -47.83
CA ALA A 294 -1.99 19.98 -47.10
C ALA A 294 -0.81 20.39 -47.99
N LYS A 295 -0.89 20.10 -49.29
CA LYS A 295 0.25 20.30 -50.18
C LYS A 295 0.80 21.72 -50.13
N ASP A 296 -0.08 22.72 -50.16
CA ASP A 296 0.36 24.11 -50.18
C ASP A 296 0.78 24.61 -48.79
N LEU A 297 0.06 24.19 -47.75
CA LEU A 297 0.49 24.50 -46.38
C LEU A 297 1.92 24.01 -46.17
N ILE A 298 2.23 22.83 -46.72
CA ILE A 298 3.58 22.26 -46.57
C ILE A 298 4.60 22.98 -47.45
N GLN A 299 4.32 23.07 -48.75
CA GLN A 299 5.29 23.63 -49.68
C GLN A 299 5.57 25.11 -49.44
N ASN A 300 4.58 25.83 -48.89
CA ASN A 300 4.74 27.25 -48.58
C ASN A 300 5.31 27.50 -47.19
N GLN A 301 5.64 26.42 -46.49
CA GLN A 301 6.22 26.46 -45.14
C GLN A 301 5.35 27.25 -44.17
N LEU A 302 4.07 26.88 -44.14
CA LEU A 302 3.09 27.59 -43.31
C LEU A 302 2.81 26.87 -42.00
N ILE A 303 3.32 25.65 -41.87
CA ILE A 303 3.10 24.88 -40.64
C ILE A 303 4.36 24.12 -40.26
N ASP A 304 4.43 23.69 -39.01
CA ASP A 304 5.56 22.92 -38.50
C ASP A 304 5.24 21.46 -38.22
N TYR A 305 3.96 21.15 -37.99
CA TYR A 305 3.55 19.78 -37.73
C TYR A 305 2.31 19.47 -38.54
N ILE A 306 2.26 18.27 -39.11
CA ILE A 306 1.09 17.82 -39.86
C ILE A 306 0.38 16.73 -39.03
N ARG A 307 -0.92 16.92 -38.79
CA ARG A 307 -1.68 16.12 -37.81
C ARG A 307 -2.55 15.01 -38.40
N ALA A 308 -2.48 14.84 -39.72
CA ALA A 308 -3.31 13.83 -40.39
C ALA A 308 -3.03 12.44 -39.80
N THR A 309 -4.04 11.57 -39.83
CA THR A 309 -3.93 10.23 -39.21
C THR A 309 -4.08 9.09 -40.20
N VAL A 310 -3.64 7.89 -39.80
CA VAL A 310 -3.77 6.73 -40.65
C VAL A 310 -5.23 6.49 -41.01
N VAL A 311 -6.12 6.63 -40.02
CA VAL A 311 -7.52 6.27 -40.24
C VAL A 311 -8.29 7.27 -41.12
N HIS A 312 -7.93 8.54 -41.06
CA HIS A 312 -8.73 9.55 -41.78
C HIS A 312 -8.09 10.07 -43.04
N ALA A 313 -6.82 9.78 -43.26
CA ALA A 313 -6.14 10.26 -44.45
C ALA A 313 -5.59 9.12 -45.31
N GLY A 314 -6.37 8.04 -45.44
CA GLY A 314 -6.11 7.05 -46.48
C GLY A 314 -5.09 5.99 -46.13
N GLY A 315 -4.88 5.76 -44.84
CA GLY A 315 -4.07 4.65 -44.37
C GLY A 315 -2.57 4.88 -44.33
N ILE A 316 -1.84 3.81 -44.06
CA ILE A 316 -0.39 3.87 -44.00
C ILE A 316 0.22 4.29 -45.33
N THR A 317 -0.29 3.70 -46.41
CA THR A 317 0.24 3.97 -47.75
C THR A 317 0.25 5.47 -48.03
N HIS A 318 -0.88 6.13 -47.76
CA HIS A 318 -1.01 7.55 -48.10
C HIS A 318 -0.36 8.45 -47.04
N LEU A 319 -0.47 8.08 -45.77
CA LEU A 319 0.12 8.92 -44.73
C LEU A 319 1.65 9.02 -44.86
N ARG A 320 2.27 7.95 -45.33
N ARG A 320 2.27 7.95 -45.33
CA ARG A 320 3.72 7.97 -45.58
CA ARG A 320 3.71 7.96 -45.59
C ARG A 320 4.09 8.99 -46.65
C ARG A 320 4.07 9.03 -46.61
N ARG A 321 3.22 9.18 -47.62
CA ARG A 321 3.45 10.16 -48.68
C ARG A 321 3.30 11.58 -48.18
N ILE A 322 2.29 11.80 -47.34
CA ILE A 322 2.15 13.10 -46.67
C ILE A 322 3.42 13.40 -45.84
N ALA A 323 3.90 12.42 -45.08
CA ALA A 323 5.09 12.65 -44.25
C ALA A 323 6.33 12.91 -45.08
N ALA A 324 6.42 12.27 -46.25
CA ALA A 324 7.61 12.42 -47.09
C ALA A 324 7.67 13.84 -47.66
N LEU A 325 6.52 14.36 -48.06
CA LEU A 325 6.45 15.73 -48.57
C LEU A 325 6.82 16.70 -47.46
N ALA A 326 6.25 16.49 -46.29
CA ALA A 326 6.53 17.35 -45.15
C ALA A 326 8.02 17.35 -44.81
N ASP A 327 8.65 16.18 -44.90
CA ASP A 327 10.08 16.04 -44.56
C ASP A 327 10.98 16.99 -45.34
N LEU A 328 10.62 17.29 -46.59
CA LEU A 328 11.46 18.14 -47.44
C LEU A 328 11.57 19.55 -46.86
N TYR A 329 10.63 19.92 -46.00
CA TYR A 329 10.57 21.26 -45.43
C TYR A 329 10.78 21.25 -43.91
N GLN A 330 11.28 20.12 -43.41
CA GLN A 330 11.54 19.93 -41.99
C GLN A 330 10.26 19.97 -41.14
N ILE A 331 9.12 19.72 -41.78
CA ILE A 331 7.85 19.63 -41.07
C ILE A 331 7.72 18.22 -40.52
N ARG A 332 7.26 18.10 -39.28
CA ARG A 332 7.22 16.79 -38.62
C ARG A 332 5.81 16.27 -38.42
N THR A 333 5.69 14.97 -38.18
CA THR A 333 4.36 14.39 -37.99
C THR A 333 3.86 14.63 -36.55
N GLY A 334 2.55 14.83 -36.41
CA GLY A 334 1.98 14.98 -35.09
C GLY A 334 0.60 14.38 -35.08
N CYS A 335 0.51 13.07 -35.36
CA CYS A 335 -0.80 12.43 -35.54
C CYS A 335 -1.78 12.70 -34.39
N HIS A 336 -3.00 13.05 -34.80
CA HIS A 336 -4.16 13.16 -33.93
C HIS A 336 -4.37 11.80 -33.25
N GLY A 337 -4.87 11.81 -32.01
CA GLY A 337 -4.94 10.59 -31.22
C GLY A 337 -6.03 10.64 -30.17
N ALA A 338 -7.14 11.27 -30.50
CA ALA A 338 -8.29 11.33 -29.59
C ALA A 338 -8.96 9.95 -29.48
N THR A 339 -9.94 9.83 -28.58
CA THR A 339 -10.54 8.52 -28.26
C THR A 339 -11.30 7.89 -29.43
N ASP A 340 -11.74 8.73 -30.37
CA ASP A 340 -12.54 8.26 -31.49
C ASP A 340 -11.73 7.58 -32.59
N LEU A 341 -10.43 7.44 -32.35
CA LEU A 341 -9.58 6.59 -33.17
C LEU A 341 -9.37 5.32 -32.35
N SER A 342 -9.75 4.17 -32.90
CA SER A 342 -9.74 2.93 -32.10
C SER A 342 -8.34 2.41 -31.87
N PRO A 343 -8.21 1.41 -30.97
CA PRO A 343 -6.90 0.79 -30.79
C PRO A 343 -6.31 0.20 -32.08
N VAL A 344 -7.15 -0.11 -33.07
CA VAL A 344 -6.62 -0.57 -34.35
C VAL A 344 -5.87 0.57 -35.03
N CYS A 345 -6.49 1.76 -35.03
CA CYS A 345 -5.80 2.94 -35.54
C CYS A 345 -4.54 3.24 -34.74
N MET A 346 -4.63 3.20 -33.41
CA MET A 346 -3.45 3.49 -32.60
C MET A 346 -2.29 2.53 -32.89
N ALA A 347 -2.61 1.26 -33.09
CA ALA A 347 -1.58 0.29 -33.41
C ALA A 347 -0.87 0.69 -34.71
N ALA A 348 -1.66 0.99 -35.74
CA ALA A 348 -1.11 1.40 -37.02
C ALA A 348 -0.30 2.69 -36.87
N ALA A 349 -0.84 3.65 -36.12
CA ALA A 349 -0.15 4.92 -35.91
C ALA A 349 1.21 4.73 -35.25
N LEU A 350 1.27 3.81 -34.28
CA LEU A 350 2.53 3.58 -33.56
C LEU A 350 3.57 2.87 -34.43
N HIS A 351 3.14 1.98 -35.31
CA HIS A 351 4.06 1.39 -36.29
C HIS A 351 4.58 2.46 -37.25
N PHE A 352 3.69 3.34 -37.70
CA PHE A 352 4.08 4.48 -38.53
C PHE A 352 5.05 5.41 -37.77
N ASP A 353 4.70 5.74 -36.54
CA ASP A 353 5.50 6.66 -35.72
C ASP A 353 6.90 6.13 -35.44
N LEU A 354 7.02 4.83 -35.19
CA LEU A 354 8.33 4.30 -34.81
C LEU A 354 9.29 4.29 -36.00
N SER A 355 8.74 4.30 -37.20
CA SER A 355 9.53 4.12 -38.43
C SER A 355 9.70 5.41 -39.26
N VAL A 356 8.77 6.34 -39.16
CA VAL A 356 8.87 7.55 -39.99
C VAL A 356 10.06 8.43 -39.58
N PRO A 357 10.85 8.93 -40.55
CA PRO A 357 12.03 9.65 -40.10
C PRO A 357 11.70 10.98 -39.44
N ASN A 358 10.72 11.73 -39.97
CA ASN A 358 10.39 13.04 -39.43
C ASN A 358 9.24 13.01 -38.42
N PHE A 359 9.35 12.09 -37.46
CA PHE A 359 8.36 12.01 -36.39
C PHE A 359 8.48 13.21 -35.47
N GLY A 360 7.35 13.78 -35.06
CA GLY A 360 7.35 14.87 -34.11
C GLY A 360 6.82 14.46 -32.75
N ILE A 361 5.55 14.06 -32.72
CA ILE A 361 4.92 13.63 -31.47
C ILE A 361 3.68 12.82 -31.81
N GLN A 362 3.18 12.03 -30.85
CA GLN A 362 1.92 11.32 -31.03
C GLN A 362 0.94 11.72 -29.93
N GLU A 363 -0.27 12.14 -30.32
CA GLU A 363 -1.32 12.38 -29.33
C GLU A 363 -1.78 11.07 -28.69
N TYR A 364 -1.97 11.07 -27.36
CA TYR A 364 -2.46 9.86 -26.70
C TYR A 364 -3.56 10.14 -25.68
N MET A 365 -4.81 9.92 -26.08
CA MET A 365 -5.92 9.92 -25.13
C MET A 365 -6.19 8.48 -24.73
N ARG A 366 -6.34 8.21 -23.43
CA ARG A 366 -6.58 6.85 -22.98
C ARG A 366 -7.99 6.38 -23.33
N HIS A 367 -8.08 5.13 -23.79
CA HIS A 367 -9.38 4.51 -24.05
C HIS A 367 -9.99 3.97 -22.76
N MET A 368 -11.31 3.77 -22.77
CA MET A 368 -11.98 3.09 -21.64
C MET A 368 -11.53 1.64 -21.54
N PRO A 369 -11.56 1.07 -20.32
CA PRO A 369 -11.18 -0.35 -20.16
C PRO A 369 -11.98 -1.29 -21.07
N GLU A 370 -13.27 -0.99 -21.26
CA GLU A 370 -14.11 -1.82 -22.12
C GLU A 370 -13.59 -1.83 -23.56
N THR A 371 -13.09 -0.68 -24.02
CA THR A 371 -12.50 -0.57 -25.34
C THR A 371 -11.26 -1.44 -25.48
N ASP A 372 -10.38 -1.37 -24.48
CA ASP A 372 -9.18 -2.19 -24.49
C ASP A 372 -9.51 -3.68 -24.50
N ALA A 373 -10.61 -4.05 -23.83
CA ALA A 373 -11.01 -5.44 -23.74
C ALA A 373 -11.50 -5.94 -25.10
N VAL A 374 -12.24 -5.08 -25.80
CA VAL A 374 -12.74 -5.42 -27.12
C VAL A 374 -11.63 -5.49 -28.19
N PHE A 375 -10.61 -4.64 -28.02
CA PHE A 375 -9.48 -4.62 -28.97
C PHE A 375 -8.15 -4.96 -28.30
N PRO A 376 -7.91 -6.23 -27.98
CA PRO A 376 -6.61 -6.58 -27.38
C PRO A 376 -5.45 -6.20 -28.28
N HIS A 377 -4.38 -5.68 -27.70
CA HIS A 377 -3.29 -5.16 -28.51
C HIS A 377 -1.94 -5.32 -27.82
N ALA A 378 -0.88 -5.24 -28.61
CA ALA A 378 0.48 -5.38 -28.11
C ALA A 378 1.15 -4.06 -27.74
N TYR A 379 0.59 -2.92 -28.17
CA TYR A 379 1.29 -1.66 -27.89
C TYR A 379 1.26 -1.31 -26.41
N THR A 380 2.29 -0.59 -25.96
CA THR A 380 2.47 -0.28 -24.55
C THR A 380 2.75 1.19 -24.33
N PHE A 381 2.51 1.66 -23.11
CA PHE A 381 2.86 3.01 -22.70
C PHE A 381 3.64 2.93 -21.39
N ALA A 382 4.76 3.63 -21.32
CA ALA A 382 5.52 3.77 -20.08
C ALA A 382 6.37 5.03 -20.11
N ASP A 383 6.37 5.77 -19.00
CA ASP A 383 7.28 6.92 -18.85
C ASP A 383 7.14 7.90 -20.01
N GLY A 384 5.91 8.17 -20.43
CA GLY A 384 5.68 9.18 -21.46
C GLY A 384 5.97 8.71 -22.88
N MET A 385 6.28 7.43 -23.04
CA MET A 385 6.66 6.90 -24.35
C MET A 385 5.83 5.65 -24.69
N MET A 386 5.54 5.47 -25.97
CA MET A 386 4.82 4.28 -26.41
C MET A 386 5.65 3.48 -27.38
N HIS A 387 5.24 2.23 -27.62
CA HIS A 387 5.91 1.37 -28.57
C HIS A 387 4.86 0.43 -29.14
N PRO A 388 4.92 0.15 -30.46
CA PRO A 388 3.87 -0.65 -31.11
C PRO A 388 3.94 -2.12 -30.75
N GLY A 389 5.06 -2.55 -30.19
CA GLY A 389 5.23 -3.96 -29.87
C GLY A 389 5.83 -4.70 -31.06
N ASP A 390 6.10 -5.99 -30.89
CA ASP A 390 6.76 -6.73 -31.97
C ASP A 390 5.99 -7.95 -32.50
N GLN A 391 4.68 -7.99 -32.26
CA GLN A 391 3.86 -9.04 -32.83
C GLN A 391 3.80 -8.87 -34.36
N PRO A 392 3.63 -9.98 -35.09
CA PRO A 392 3.46 -9.88 -36.55
C PRO A 392 2.27 -9.01 -36.91
N GLY A 393 2.40 -8.24 -38.00
CA GLY A 393 1.33 -7.36 -38.44
C GLY A 393 1.19 -6.15 -37.53
N LEU A 394 -0.05 -5.73 -37.28
CA LEU A 394 -0.28 -4.53 -36.46
C LEU A 394 -0.20 -4.83 -34.98
N GLY A 395 -0.39 -6.09 -34.60
CA GLY A 395 -0.40 -6.45 -33.19
C GLY A 395 -1.69 -6.07 -32.50
N VAL A 396 -2.80 -6.20 -33.21
CA VAL A 396 -4.10 -5.88 -32.65
C VAL A 396 -5.12 -6.91 -33.10
N ASP A 397 -6.14 -7.15 -32.28
CA ASP A 397 -7.21 -8.05 -32.66
C ASP A 397 -8.53 -7.46 -32.20
N ILE A 398 -9.65 -8.07 -32.60
CA ILE A 398 -10.96 -7.71 -32.07
C ILE A 398 -11.67 -8.96 -31.53
N ASP A 399 -12.17 -8.87 -30.31
CA ASP A 399 -12.94 -9.92 -29.68
C ASP A 399 -14.39 -9.75 -30.12
N GLU A 400 -14.79 -10.46 -31.17
CA GLU A 400 -16.11 -10.26 -31.77
C GLU A 400 -17.26 -10.59 -30.82
N ASP A 401 -17.08 -11.61 -29.99
CA ASP A 401 -18.12 -11.99 -29.05
C ASP A 401 -18.33 -10.88 -28.01
N LEU A 402 -17.23 -10.32 -27.52
CA LEU A 402 -17.31 -9.23 -26.58
C LEU A 402 -17.88 -7.98 -27.26
N ALA A 403 -17.44 -7.72 -28.49
CA ALA A 403 -17.92 -6.54 -29.22
C ALA A 403 -19.44 -6.59 -29.40
N ALA A 404 -19.96 -7.79 -29.64
CA ALA A 404 -21.40 -7.98 -29.89
C ALA A 404 -22.28 -7.56 -28.72
N GLY A 405 -21.70 -7.48 -27.52
CA GLY A 405 -22.46 -7.11 -26.33
C GLY A 405 -22.60 -5.61 -26.11
N TYR A 406 -21.93 -4.82 -26.94
CA TYR A 406 -21.99 -3.36 -26.83
C TYR A 406 -22.61 -2.79 -28.09
N GLU A 407 -23.90 -2.49 -28.06
CA GLU A 407 -24.60 -2.03 -29.25
C GLU A 407 -24.32 -0.57 -29.61
N TYR A 408 -24.27 -0.29 -30.90
CA TYR A 408 -24.16 1.07 -31.41
C TYR A 408 -25.13 2.02 -30.70
N LYS A 409 -24.63 3.19 -30.34
CA LYS A 409 -25.44 4.25 -29.72
C LYS A 409 -25.13 5.58 -30.40
N ARG A 410 -26.12 6.13 -31.09
CA ARG A 410 -25.92 7.37 -31.83
C ARG A 410 -25.36 8.47 -30.95
N ALA A 411 -24.30 9.14 -31.40
CA ALA A 411 -23.72 10.24 -30.64
C ALA A 411 -23.03 11.21 -31.59
N PHE A 412 -23.36 12.49 -31.46
CA PHE A 412 -22.85 13.53 -32.36
C PHE A 412 -21.77 14.35 -31.69
N LEU A 413 -20.84 14.87 -32.51
CA LEU A 413 -19.97 15.96 -32.06
C LEU A 413 -20.78 17.22 -31.86
N PRO A 414 -20.33 18.09 -30.94
CA PRO A 414 -21.00 19.35 -30.62
C PRO A 414 -20.95 20.37 -31.76
N VAL A 415 -21.79 21.39 -31.67
CA VAL A 415 -21.68 22.55 -32.55
C VAL A 415 -21.40 23.80 -31.73
N ASN A 416 -21.02 24.87 -32.42
CA ASN A 416 -20.59 26.09 -31.77
C ASN A 416 -21.24 27.26 -32.52
N ARG A 417 -21.75 28.25 -31.79
CA ARG A 417 -22.33 29.44 -32.40
C ARG A 417 -21.79 30.69 -31.71
N LEU A 418 -21.78 31.80 -32.41
CA LEU A 418 -21.41 33.06 -31.81
C LEU A 418 -22.56 33.57 -30.93
N GLU A 419 -22.32 34.64 -30.17
CA GLU A 419 -23.33 35.08 -29.21
C GLU A 419 -24.61 35.62 -29.88
N ASP A 420 -24.51 36.02 -31.15
CA ASP A 420 -25.70 36.47 -31.89
C ASP A 420 -26.39 35.30 -32.57
N GLY A 421 -25.90 34.09 -32.36
CA GLY A 421 -26.50 32.91 -32.95
C GLY A 421 -25.89 32.40 -34.26
N THR A 422 -24.90 33.12 -34.79
CA THR A 422 -24.28 32.72 -36.07
C THR A 422 -23.61 31.34 -35.94
N MET A 423 -23.86 30.45 -36.89
CA MET A 423 -23.15 29.17 -36.92
C MET A 423 -21.65 29.44 -36.95
N PHE A 424 -20.90 28.73 -36.11
CA PHE A 424 -19.46 28.95 -36.05
C PHE A 424 -18.71 27.62 -36.05
N ASN A 425 -17.41 27.66 -35.86
CA ASN A 425 -16.60 26.44 -35.88
C ASN A 425 -16.49 25.86 -34.50
N TRP A 426 -16.78 24.56 -34.38
CA TRP A 426 -16.55 23.91 -33.11
C TRP A 426 -15.13 23.36 -33.03
N MET B 23 29.54 20.37 15.42
CA MET B 23 28.16 20.42 14.91
C MET B 23 27.27 19.44 15.68
N MET B 24 26.48 19.98 16.60
CA MET B 24 25.66 19.16 17.50
C MET B 24 24.18 19.49 17.41
N PRO B 25 23.49 18.91 16.42
CA PRO B 25 22.10 19.23 16.11
C PRO B 25 21.13 18.72 17.16
N LYS B 26 20.23 19.60 17.58
CA LYS B 26 19.10 19.20 18.42
C LYS B 26 17.85 19.16 17.55
N ILE B 27 16.97 18.20 17.80
CA ILE B 27 15.72 18.12 17.05
C ILE B 27 14.80 19.26 17.48
N ILE B 28 14.36 20.08 16.54
CA ILE B 28 13.49 21.19 16.89
C ILE B 28 12.05 20.96 16.47
N ASP B 29 11.85 20.11 15.46
CA ASP B 29 10.52 19.83 14.97
C ASP B 29 10.52 18.52 14.19
N ALA B 30 9.35 17.94 14.03
CA ALA B 30 9.21 16.72 13.22
C ALA B 30 7.78 16.67 12.77
N LYS B 31 7.53 16.11 11.59
CA LYS B 31 6.15 15.99 11.13
C LYS B 31 5.96 14.81 10.22
N VAL B 32 4.72 14.32 10.18
CA VAL B 32 4.35 13.25 9.29
C VAL B 32 3.74 13.83 8.03
N ILE B 33 4.26 13.42 6.87
CA ILE B 33 3.66 13.78 5.58
C ILE B 33 2.97 12.56 5.01
N ILE B 34 1.71 12.73 4.62
CA ILE B 34 0.91 11.65 4.02
C ILE B 34 0.54 12.01 2.58
N THR B 35 0.86 11.13 1.64
CA THR B 35 0.65 11.45 0.22
C THR B 35 0.28 10.18 -0.55
N CYS B 36 -0.41 10.34 -1.68
CA CYS B 36 -0.82 9.21 -2.48
C CYS B 36 -0.52 9.36 -3.98
N PRO B 37 0.77 9.36 -4.33
CA PRO B 37 1.18 9.44 -5.75
C PRO B 37 1.10 8.07 -6.41
N GLY B 38 -0.09 7.57 -6.69
CA GLY B 38 -0.23 6.23 -7.23
C GLY B 38 -0.52 5.17 -6.18
N ARG B 39 -0.05 5.42 -4.95
CA ARG B 39 -0.47 4.66 -3.77
C ARG B 39 -0.05 5.42 -2.50
N ASN B 40 -0.56 5.00 -1.34
CA ASN B 40 -0.30 5.73 -0.10
C ASN B 40 1.13 5.57 0.44
N PHE B 41 1.76 6.68 0.83
CA PHE B 41 3.01 6.62 1.57
C PHE B 41 2.93 7.57 2.75
N VAL B 42 3.51 7.15 3.86
CA VAL B 42 3.59 7.98 5.06
C VAL B 42 5.07 8.19 5.34
N THR B 43 5.47 9.44 5.55
CA THR B 43 6.89 9.78 5.69
C THR B 43 7.12 10.66 6.91
N LEU B 44 8.18 10.38 7.66
CA LEU B 44 8.57 11.21 8.80
C LEU B 44 9.69 12.15 8.37
N LYS B 45 9.56 13.43 8.68
CA LYS B 45 10.64 14.39 8.47
C LYS B 45 11.08 14.99 9.82
N ILE B 46 12.35 14.81 10.17
CA ILE B 46 12.87 15.32 11.42
C ILE B 46 13.77 16.51 11.12
N MET B 47 13.47 17.66 11.72
CA MET B 47 14.27 18.87 11.48
C MET B 47 15.12 19.23 12.71
N THR B 48 16.36 19.66 12.48
CA THR B 48 17.25 20.04 13.58
C THR B 48 17.53 21.53 13.59
N ASP B 49 18.13 22.02 14.68
CA ASP B 49 18.39 23.46 14.84
C ASP B 49 19.55 23.93 13.97
N GLU B 50 20.22 23.00 13.31
CA GLU B 50 21.31 23.32 12.41
C GLU B 50 20.82 23.39 10.98
N GLY B 51 19.54 23.10 10.77
CA GLY B 51 18.95 23.14 9.44
C GLY B 51 19.00 21.81 8.70
N VAL B 52 19.78 20.87 9.23
CA VAL B 52 19.87 19.53 8.65
C VAL B 52 18.62 18.73 9.00
N TYR B 53 18.03 18.05 8.01
CA TYR B 53 16.85 17.22 8.29
C TYR B 53 17.06 15.80 7.79
N GLY B 54 16.22 14.89 8.29
CA GLY B 54 16.27 13.51 7.84
C GLY B 54 14.88 12.99 7.55
N LEU B 55 14.79 12.00 6.65
CA LEU B 55 13.53 11.39 6.32
C LEU B 55 13.53 9.92 6.66
N GLY B 56 12.36 9.40 7.01
CA GLY B 56 12.21 7.97 7.25
C GLY B 56 10.86 7.52 6.75
N ASP B 57 10.82 6.35 6.12
CA ASP B 57 9.57 5.79 5.65
C ASP B 57 8.80 5.27 6.86
N ALA B 58 7.48 5.49 6.87
CA ALA B 58 6.63 4.99 7.95
C ALA B 58 5.40 4.29 7.38
N THR B 59 5.47 3.88 6.11
CA THR B 59 4.31 3.29 5.43
C THR B 59 4.02 1.87 5.90
N LEU B 60 2.78 1.62 6.32
CA LEU B 60 2.33 0.27 6.70
C LEU B 60 1.06 -0.04 5.89
N ASN B 61 1.23 -0.80 4.81
CA ASN B 61 0.20 -0.96 3.79
C ASN B 61 -1.14 -1.43 4.39
N GLY B 62 -2.20 -0.68 4.12
CA GLY B 62 -3.54 -1.05 4.57
C GLY B 62 -3.88 -0.64 6.01
N ARG B 63 -2.88 -0.13 6.74
CA ARG B 63 -3.12 0.36 8.10
C ARG B 63 -2.38 1.69 8.28
N GLU B 64 -2.25 2.45 7.21
CA GLU B 64 -1.31 3.58 7.18
C GLU B 64 -1.51 4.63 8.27
N LEU B 65 -2.76 4.97 8.55
CA LEU B 65 -3.04 6.07 9.46
C LEU B 65 -2.81 5.73 10.93
N ALA B 66 -2.74 4.44 11.25
CA ALA B 66 -2.41 4.03 12.60
C ALA B 66 -0.98 4.43 12.95
N VAL B 67 -0.07 4.25 12.00
CA VAL B 67 1.32 4.65 12.21
C VAL B 67 1.42 6.17 12.18
N ALA B 68 0.65 6.81 11.30
CA ALA B 68 0.69 8.26 11.25
C ALA B 68 0.33 8.85 12.62
N SER B 69 -0.71 8.30 13.25
CA SER B 69 -1.10 8.74 14.58
C SER B 69 -0.09 8.37 15.67
N TYR B 70 0.40 7.12 15.62
CA TYR B 70 1.43 6.69 16.56
C TYR B 70 2.56 7.72 16.56
N LEU B 71 2.97 8.18 15.39
CA LEU B 71 4.03 9.17 15.28
C LEU B 71 3.59 10.58 15.72
N THR B 72 2.54 11.08 15.11
CA THR B 72 2.10 12.46 15.35
C THR B 72 1.66 12.70 16.79
N ASP B 73 0.90 11.77 17.34
CA ASP B 73 0.28 11.98 18.65
C ASP B 73 1.12 11.51 19.83
N HIS B 74 2.12 10.67 19.56
CA HIS B 74 2.86 10.09 20.68
C HIS B 74 4.38 10.19 20.56
N VAL B 75 4.94 9.70 19.46
CA VAL B 75 6.40 9.70 19.33
C VAL B 75 6.97 11.09 19.13
N ILE B 76 6.40 11.84 18.19
CA ILE B 76 6.99 13.14 17.84
C ILE B 76 7.16 14.08 19.03
N PRO B 77 6.14 14.17 19.91
CA PRO B 77 6.35 15.06 21.07
C PRO B 77 7.58 14.67 21.91
N CYS B 78 7.91 13.38 21.97
CA CYS B 78 9.08 12.92 22.72
C CYS B 78 10.41 13.19 22.00
N LEU B 79 10.37 13.49 20.70
CA LEU B 79 11.59 13.71 19.93
C LEU B 79 12.17 15.10 20.18
N ILE B 80 11.28 16.06 20.40
CA ILE B 80 11.69 17.47 20.44
C ILE B 80 12.73 17.72 21.52
N GLY B 81 13.80 18.43 21.15
CA GLY B 81 14.83 18.78 22.09
C GLY B 81 15.95 17.75 22.20
N ARG B 82 15.75 16.56 21.62
CA ARG B 82 16.76 15.51 21.75
C ARG B 82 17.98 15.68 20.86
N ASP B 83 19.09 15.11 21.30
CA ASP B 83 20.34 15.12 20.57
C ASP B 83 20.23 14.18 19.38
N ALA B 84 20.25 14.73 18.17
CA ALA B 84 20.04 13.91 16.96
C ALA B 84 21.15 12.88 16.72
N HIS B 85 22.32 13.11 17.29
CA HIS B 85 23.45 12.17 17.17
C HIS B 85 23.19 10.86 17.90
N ARG B 86 22.32 10.88 18.90
N ARG B 86 22.32 10.89 18.90
CA ARG B 86 22.14 9.71 19.76
CA ARG B 86 22.09 9.73 19.76
C ARG B 86 21.07 8.76 19.19
C ARG B 86 21.05 8.78 19.17
N ILE B 87 21.47 8.04 18.16
CA ILE B 87 20.56 7.13 17.44
C ILE B 87 20.15 5.95 18.31
N GLU B 88 21.12 5.28 18.90
CA GLU B 88 20.83 4.12 19.74
C GLU B 88 19.96 4.52 20.93
N ASP B 89 20.26 5.66 21.55
CA ASP B 89 19.47 6.10 22.70
C ASP B 89 18.00 6.33 22.35
N LEU B 90 17.73 6.98 21.23
CA LEU B 90 16.35 7.18 20.81
C LEU B 90 15.67 5.87 20.44
N TRP B 91 16.41 4.98 19.77
CA TRP B 91 15.84 3.67 19.44
C TRP B 91 15.38 2.96 20.71
N GLN B 92 16.26 2.88 21.71
CA GLN B 92 15.94 2.19 22.95
C GLN B 92 14.84 2.92 23.73
N TYR B 93 14.87 4.24 23.68
CA TYR B 93 13.89 5.07 24.35
C TYR B 93 12.50 4.75 23.82
N LEU B 94 12.37 4.66 22.51
CA LEU B 94 11.06 4.40 21.89
C LEU B 94 10.66 2.94 22.01
N TYR B 95 11.64 2.04 21.87
CA TYR B 95 11.36 0.61 21.98
C TYR B 95 10.97 0.19 23.40
N LYS B 96 11.81 0.50 24.38
CA LYS B 96 11.48 0.18 25.78
C LYS B 96 10.39 1.10 26.33
N GLY B 97 10.46 2.38 25.98
CA GLY B 97 9.60 3.40 26.57
C GLY B 97 8.13 3.28 26.21
N ALA B 98 7.83 2.65 25.08
CA ALA B 98 6.46 2.42 24.68
C ALA B 98 5.72 1.54 25.70
N TYR B 99 6.49 0.79 26.49
CA TYR B 99 5.98 -0.21 27.44
C TYR B 99 5.40 -1.45 26.75
N TRP B 100 4.43 -1.24 25.87
CA TRP B 100 3.87 -2.30 25.04
C TRP B 100 4.83 -2.50 23.88
N ARG B 101 5.47 -3.67 23.83
CA ARG B 101 6.63 -3.86 22.95
C ARG B 101 6.31 -4.56 21.64
N ARG B 102 7.10 -4.27 20.62
CA ARG B 102 7.02 -4.93 19.31
C ARG B 102 5.72 -4.57 18.62
N GLY B 103 5.48 -5.18 17.46
CA GLY B 103 4.24 -4.97 16.73
C GLY B 103 4.47 -4.18 15.45
N PRO B 104 3.60 -4.34 14.44
CA PRO B 104 3.77 -3.67 13.16
C PRO B 104 3.65 -2.15 13.24
N VAL B 105 2.72 -1.62 14.03
CA VAL B 105 2.58 -0.16 14.08
C VAL B 105 3.75 0.44 14.85
N THR B 106 4.01 -0.16 16.01
CA THR B 106 5.09 0.25 16.89
C THR B 106 6.45 0.30 16.19
N MET B 107 6.83 -0.82 15.58
CA MET B 107 8.18 -0.96 15.03
C MET B 107 8.37 -0.17 13.74
N THR B 108 7.28 0.11 13.03
CA THR B 108 7.34 0.95 11.84
C THR B 108 7.58 2.41 12.23
N ALA B 109 6.95 2.84 13.32
CA ALA B 109 7.20 4.20 13.83
C ALA B 109 8.66 4.33 14.26
N ILE B 110 9.14 3.31 14.98
CA ILE B 110 10.54 3.29 15.42
C ILE B 110 11.48 3.30 14.21
N ALA B 111 11.16 2.50 13.21
CA ALA B 111 11.95 2.45 11.98
C ALA B 111 12.07 3.82 11.31
N ALA B 112 10.96 4.55 11.24
CA ALA B 112 10.95 5.87 10.60
C ALA B 112 11.89 6.83 11.32
N VAL B 113 11.84 6.82 12.65
CA VAL B 113 12.75 7.67 13.41
C VAL B 113 14.19 7.24 13.15
N ASP B 114 14.45 5.94 13.21
CA ASP B 114 15.81 5.43 13.04
C ASP B 114 16.41 5.79 11.68
N MET B 115 15.65 5.57 10.61
CA MET B 115 16.08 5.92 9.26
C MET B 115 16.41 7.40 9.17
N ALA B 116 15.52 8.23 9.70
CA ALA B 116 15.72 9.68 9.63
C ALA B 116 16.96 10.11 10.39
N LEU B 117 17.23 9.47 11.52
CA LEU B 117 18.46 9.81 12.26
C LEU B 117 19.73 9.36 11.54
N TRP B 118 19.71 8.19 10.91
CA TRP B 118 20.85 7.78 10.09
C TRP B 118 21.09 8.72 8.91
N ASP B 119 19.99 9.21 8.33
CA ASP B 119 20.06 10.18 7.23
C ASP B 119 20.79 11.43 7.72
N ILE B 120 20.35 11.95 8.86
CA ILE B 120 21.01 13.10 9.48
C ILE B 120 22.48 12.82 9.81
N LYS B 121 22.75 11.64 10.35
CA LYS B 121 24.14 11.28 10.67
C LYS B 121 25.04 11.35 9.43
N GLY B 122 24.59 10.79 8.32
CA GLY B 122 25.34 10.84 7.08
C GLY B 122 25.55 12.27 6.59
N LYS B 123 24.50 13.07 6.66
CA LYS B 123 24.59 14.46 6.24
C LYS B 123 25.64 15.24 7.06
N ILE B 124 25.64 15.01 8.38
CA ILE B 124 26.61 15.65 9.27
C ILE B 124 28.03 15.19 8.97
N ALA B 125 28.19 13.89 8.70
CA ALA B 125 29.50 13.31 8.43
C ALA B 125 29.96 13.59 7.00
N GLY B 126 29.03 14.06 6.17
CA GLY B 126 29.30 14.29 4.76
C GLY B 126 29.52 12.99 4.00
N LEU B 127 28.85 11.93 4.42
CA LEU B 127 29.06 10.61 3.83
C LEU B 127 27.73 9.92 3.55
N PRO B 128 27.69 9.10 2.48
CA PRO B 128 26.49 8.25 2.31
C PRO B 128 26.41 7.28 3.47
N VAL B 129 25.20 6.89 3.83
CA VAL B 129 24.99 6.01 4.98
C VAL B 129 25.79 4.68 4.91
N TYR B 130 25.92 4.09 3.72
CA TYR B 130 26.68 2.83 3.67
C TYR B 130 28.11 2.97 4.18
N GLN B 131 28.68 4.17 4.08
CA GLN B 131 30.04 4.41 4.56
C GLN B 131 30.11 4.38 6.08
N LEU B 132 28.97 4.55 6.73
CA LEU B 132 28.90 4.48 8.19
C LEU B 132 28.69 3.05 8.68
N LEU B 133 28.29 2.16 7.77
CA LEU B 133 27.89 0.82 8.17
C LEU B 133 28.95 -0.21 7.80
N GLY B 134 30.20 0.23 7.71
CA GLY B 134 31.31 -0.66 7.38
C GLY B 134 31.85 -0.45 5.98
N GLY B 135 31.26 0.48 5.23
CA GLY B 135 31.64 0.68 3.83
C GLY B 135 31.07 -0.39 2.91
N ALA B 136 31.40 -0.31 1.62
CA ALA B 136 30.85 -1.25 0.64
C ALA B 136 31.45 -2.66 0.74
N SER B 137 30.59 -3.66 0.80
CA SER B 137 31.02 -5.06 0.73
C SER B 137 30.93 -5.59 -0.69
N ARG B 138 30.37 -4.80 -1.59
CA ARG B 138 30.15 -5.24 -2.95
C ARG B 138 30.03 -4.03 -3.87
N GLU B 139 30.05 -4.29 -5.18
CA GLU B 139 30.05 -3.21 -6.16
C GLU B 139 28.65 -2.77 -6.56
N GLY B 140 27.66 -3.60 -6.25
CA GLY B 140 26.29 -3.35 -6.62
C GLY B 140 25.38 -4.35 -5.94
N VAL B 141 24.06 -4.16 -6.08
CA VAL B 141 23.07 -4.94 -5.34
C VAL B 141 22.18 -5.70 -6.30
N MET B 142 22.29 -7.02 -6.31
CA MET B 142 21.49 -7.82 -7.23
C MET B 142 20.03 -7.75 -6.82
N VAL B 143 19.15 -7.53 -7.78
CA VAL B 143 17.72 -7.50 -7.48
C VAL B 143 16.96 -8.59 -8.24
N TYR B 144 15.70 -8.81 -7.84
CA TYR B 144 14.85 -9.65 -8.67
C TYR B 144 13.59 -8.90 -9.05
N GLY B 145 13.09 -9.20 -10.25
CA GLY B 145 11.86 -8.63 -10.75
C GLY B 145 10.72 -9.63 -10.67
N HIS B 146 9.54 -9.22 -11.13
CA HIS B 146 8.33 -10.00 -10.94
C HIS B 146 7.62 -10.35 -12.24
N ALA B 147 7.78 -11.60 -12.68
CA ALA B 147 7.06 -12.10 -13.83
C ALA B 147 5.77 -12.76 -13.39
N ASN B 148 4.64 -12.33 -13.95
CA ASN B 148 3.38 -12.98 -13.64
C ASN B 148 2.50 -13.08 -14.87
N GLY B 149 1.65 -14.08 -14.90
CA GLY B 149 0.75 -14.29 -16.03
C GLY B 149 -0.39 -15.20 -15.63
N THR B 150 -1.47 -15.16 -16.39
CA THR B 150 -2.62 -16.01 -16.06
C THR B 150 -2.26 -17.47 -16.31
N THR B 151 -1.65 -17.74 -17.45
CA THR B 151 -1.20 -19.08 -17.76
C THR B 151 0.31 -19.22 -17.55
N ILE B 152 0.79 -20.46 -17.51
CA ILE B 152 2.21 -20.72 -17.44
C ILE B 152 2.92 -20.10 -18.65
N GLU B 153 2.34 -20.27 -19.83
CA GLU B 153 2.92 -19.70 -21.03
C GLU B 153 3.07 -18.17 -20.93
N ASP B 154 2.03 -17.50 -20.43
CA ASP B 154 2.05 -16.05 -20.24
C ASP B 154 3.18 -15.65 -19.31
N THR B 155 3.31 -16.40 -18.22
CA THR B 155 4.29 -16.09 -17.18
C THR B 155 5.72 -16.25 -17.73
N VAL B 156 5.94 -17.32 -18.47
CA VAL B 156 7.27 -17.60 -19.02
C VAL B 156 7.64 -16.53 -20.04
N LYS B 157 6.66 -16.10 -20.84
CA LYS B 157 6.88 -15.03 -21.81
C LYS B 157 7.38 -13.75 -21.13
N VAL B 158 6.70 -13.35 -20.06
CA VAL B 158 7.10 -12.18 -19.30
C VAL B 158 8.51 -12.37 -18.73
N ALA B 159 8.78 -13.55 -18.17
CA ALA B 159 10.09 -13.83 -17.61
C ALA B 159 11.22 -13.67 -18.65
N LEU B 160 10.98 -14.14 -19.88
CA LEU B 160 11.97 -13.99 -20.94
C LEU B 160 12.30 -12.52 -21.19
N ASP B 161 11.31 -11.66 -21.05
CA ASP B 161 11.52 -10.23 -21.23
C ASP B 161 12.38 -9.67 -20.12
N TYR B 162 12.10 -10.07 -18.88
CA TYR B 162 12.95 -9.67 -17.76
C TYR B 162 14.38 -10.13 -18.00
N GLN B 163 14.52 -11.37 -18.47
CA GLN B 163 15.85 -11.93 -18.72
C GLN B 163 16.60 -11.14 -19.80
N ALA B 164 15.89 -10.78 -20.87
CA ALA B 164 16.47 -9.98 -21.95
C ALA B 164 16.89 -8.57 -21.50
N GLN B 165 16.21 -8.05 -20.47
CA GLN B 165 16.54 -6.74 -19.92
C GLN B 165 17.71 -6.78 -18.94
N GLY B 166 18.23 -7.97 -18.67
CA GLY B 166 19.41 -8.10 -17.84
C GLY B 166 19.17 -8.48 -16.39
N TYR B 167 17.92 -8.81 -16.04
CA TYR B 167 17.65 -9.29 -14.69
C TYR B 167 18.33 -10.63 -14.52
N LYS B 168 19.01 -10.80 -13.38
CA LYS B 168 19.71 -12.04 -13.08
C LYS B 168 18.83 -12.97 -12.24
N ALA B 169 17.70 -12.43 -11.79
CA ALA B 169 16.80 -13.13 -10.88
C ALA B 169 15.36 -12.66 -11.11
N ILE B 170 14.43 -13.60 -11.08
CA ILE B 170 13.06 -13.34 -11.46
C ILE B 170 12.10 -14.17 -10.61
N ARG B 171 11.11 -13.52 -10.02
CA ARG B 171 10.07 -14.25 -9.31
C ARG B 171 9.00 -14.69 -10.31
N LEU B 172 8.52 -15.92 -10.14
CA LEU B 172 7.50 -16.46 -11.04
C LEU B 172 6.18 -16.68 -10.31
N GLN B 173 5.10 -16.10 -10.82
CA GLN B 173 3.76 -16.37 -10.26
C GLN B 173 2.78 -16.57 -11.41
N CYS B 174 2.06 -17.69 -11.43
CA CYS B 174 1.06 -17.93 -12.47
C CYS B 174 -0.31 -18.13 -11.84
N GLY B 175 -1.35 -18.00 -12.64
CA GLY B 175 -2.69 -18.27 -12.16
C GLY B 175 -2.86 -19.75 -11.85
N VAL B 176 -3.86 -20.06 -11.04
CA VAL B 176 -4.20 -21.44 -10.73
C VAL B 176 -5.40 -21.80 -11.60
N PRO B 177 -5.23 -22.79 -12.49
CA PRO B 177 -6.31 -23.07 -13.46
C PRO B 177 -7.62 -23.40 -12.75
N GLY B 178 -8.71 -22.79 -13.21
CA GLY B 178 -10.01 -23.01 -12.60
C GLY B 178 -10.35 -22.01 -11.50
N MET B 179 -9.36 -21.23 -11.07
CA MET B 179 -9.54 -20.26 -9.98
C MET B 179 -9.44 -18.83 -10.50
N ALA B 180 -10.38 -17.99 -10.08
CA ALA B 180 -10.49 -16.62 -10.58
C ALA B 180 -9.28 -15.75 -10.26
N SER B 181 -8.61 -16.03 -9.15
CA SER B 181 -7.48 -15.21 -8.72
C SER B 181 -6.46 -15.99 -7.90
N THR B 182 -5.26 -15.45 -7.82
CA THR B 182 -4.23 -15.99 -6.93
C THR B 182 -3.20 -14.90 -6.65
N TYR B 183 -2.40 -15.08 -5.60
CA TYR B 183 -1.45 -14.04 -5.23
C TYR B 183 -0.45 -13.75 -6.37
N GLY B 184 -0.19 -12.47 -6.60
CA GLY B 184 0.87 -12.06 -7.50
C GLY B 184 0.54 -12.03 -8.98
N VAL B 185 -0.70 -12.30 -9.34
CA VAL B 185 -1.09 -12.28 -10.75
C VAL B 185 -2.11 -11.17 -11.03
N SER B 186 -1.74 -10.25 -11.92
CA SER B 186 -2.61 -9.14 -12.33
C SER B 186 -2.13 -8.56 -13.67
N LYS B 187 -2.74 -7.46 -14.10
CA LYS B 187 -2.42 -6.86 -15.39
C LYS B 187 -1.07 -6.14 -15.40
N ASP B 188 -0.59 -5.74 -14.23
CA ASP B 188 0.66 -4.99 -14.12
C ASP B 188 1.89 -5.87 -14.29
N LYS B 189 2.87 -5.37 -15.06
CA LYS B 189 4.02 -6.18 -15.45
C LYS B 189 5.23 -6.07 -14.53
N TYR B 190 5.67 -4.84 -14.26
CA TYR B 190 6.91 -4.61 -13.50
C TYR B 190 6.69 -4.42 -12.01
N PHE B 191 5.45 -4.62 -11.58
CA PHE B 191 5.08 -4.55 -10.17
C PHE B 191 3.73 -5.23 -9.97
N TYR B 192 3.26 -5.22 -8.73
CA TYR B 192 2.00 -5.84 -8.36
C TYR B 192 1.41 -5.03 -7.20
N GLU B 193 0.26 -4.40 -7.44
CA GLU B 193 -0.33 -3.47 -6.49
C GLU B 193 -1.65 -4.00 -5.90
N PRO B 194 -1.55 -4.94 -4.93
CA PRO B 194 -2.70 -5.66 -4.38
C PRO B 194 -3.68 -4.83 -3.55
N ALA B 195 -3.23 -3.74 -2.92
CA ALA B 195 -4.15 -2.87 -2.19
C ALA B 195 -4.97 -2.04 -3.19
N ASP B 196 -6.02 -2.65 -3.72
CA ASP B 196 -6.67 -2.12 -4.92
C ASP B 196 -8.10 -1.62 -4.71
N ALA B 197 -8.56 -1.56 -3.46
CA ALA B 197 -9.95 -1.18 -3.21
C ALA B 197 -10.17 -0.54 -1.83
N ASP B 198 -11.27 0.20 -1.70
CA ASP B 198 -11.56 0.88 -0.44
C ASP B 198 -12.25 -0.03 0.59
N LEU B 199 -12.48 -1.28 0.20
CA LEU B 199 -12.69 -2.39 1.14
C LEU B 199 -11.88 -3.61 0.65
N PRO B 200 -11.46 -4.49 1.58
CA PRO B 200 -10.60 -5.60 1.14
C PRO B 200 -11.26 -6.48 0.09
N THR B 201 -10.58 -6.67 -1.03
CA THR B 201 -11.06 -7.58 -2.06
C THR B 201 -11.03 -9.02 -1.57
N GLU B 202 -12.13 -9.74 -1.78
CA GLU B 202 -12.25 -11.12 -1.33
C GLU B 202 -11.81 -12.08 -2.42
N ASN B 203 -11.01 -13.07 -2.05
CA ASN B 203 -10.54 -14.08 -2.99
C ASN B 203 -10.85 -15.47 -2.47
N ILE B 204 -10.89 -16.44 -3.37
CA ILE B 204 -11.19 -17.81 -3.02
C ILE B 204 -9.97 -18.67 -3.34
N TRP B 205 -9.59 -19.52 -2.39
CA TRP B 205 -8.32 -20.26 -2.48
C TRP B 205 -8.56 -21.77 -2.52
N ASN B 206 -7.78 -22.49 -3.34
CA ASN B 206 -7.80 -23.94 -3.40
C ASN B 206 -6.38 -24.50 -3.39
N THR B 207 -5.97 -25.12 -2.29
CA THR B 207 -4.60 -25.61 -2.14
C THR B 207 -4.25 -26.75 -3.13
N SER B 208 -5.13 -27.72 -3.28
CA SER B 208 -4.85 -28.86 -4.13
C SER B 208 -4.46 -28.45 -5.55
N LYS B 209 -5.20 -27.51 -6.12
CA LYS B 209 -4.93 -27.07 -7.49
C LYS B 209 -3.59 -26.35 -7.58
N TYR B 210 -3.29 -25.55 -6.57
CA TYR B 210 -2.05 -24.80 -6.52
C TYR B 210 -0.83 -25.72 -6.43
N LEU B 211 -0.90 -26.75 -5.59
CA LEU B 211 0.24 -27.65 -5.41
C LEU B 211 0.64 -28.36 -6.71
N ARG B 212 -0.31 -28.53 -7.61
CA ARG B 212 -0.04 -29.23 -8.87
C ARG B 212 0.43 -28.30 -9.98
N ILE B 213 0.11 -27.01 -9.89
CA ILE B 213 0.48 -26.09 -10.97
C ILE B 213 1.91 -25.57 -10.85
N VAL B 214 2.39 -25.33 -9.64
CA VAL B 214 3.71 -24.70 -9.50
C VAL B 214 4.87 -25.54 -10.09
N PRO B 215 4.87 -26.87 -9.88
CA PRO B 215 5.96 -27.63 -10.50
C PRO B 215 5.93 -27.56 -12.04
N GLU B 216 4.75 -27.47 -12.64
CA GLU B 216 4.66 -27.33 -14.09
C GLU B 216 5.17 -25.98 -14.54
N LEU B 217 4.95 -24.96 -13.72
CA LEU B 217 5.45 -23.61 -14.00
C LEU B 217 6.97 -23.60 -14.05
N PHE B 218 7.60 -24.20 -13.05
CA PHE B 218 9.06 -24.22 -12.98
C PHE B 218 9.68 -25.08 -14.08
N LYS B 219 9.02 -26.18 -14.42
CA LYS B 219 9.48 -27.03 -15.50
C LYS B 219 9.52 -26.24 -16.81
N ALA B 220 8.42 -25.55 -17.10
CA ALA B 220 8.33 -24.71 -18.29
C ALA B 220 9.35 -23.58 -18.26
N ALA B 221 9.52 -22.94 -17.10
CA ALA B 221 10.45 -21.84 -17.00
C ALA B 221 11.90 -22.27 -17.28
N ARG B 222 12.31 -23.42 -16.76
CA ARG B 222 13.67 -23.88 -17.01
C ARG B 222 13.89 -24.22 -18.49
N GLU B 223 12.84 -24.75 -19.12
CA GLU B 223 12.92 -25.14 -20.53
C GLU B 223 13.19 -23.93 -21.44
N SER B 224 12.62 -22.78 -21.09
CA SER B 224 12.79 -21.58 -21.91
C SER B 224 13.88 -20.61 -21.44
N LEU B 225 14.06 -20.52 -20.13
N LEU B 225 14.06 -20.49 -20.13
CA LEU B 225 14.97 -19.55 -19.53
CA LEU B 225 15.01 -19.52 -19.59
C LEU B 225 16.37 -20.09 -19.27
C LEU B 225 16.37 -20.09 -19.20
N GLY B 226 16.48 -21.41 -19.16
CA GLY B 226 17.76 -22.05 -18.84
C GLY B 226 18.07 -22.05 -17.36
N TRP B 227 19.31 -22.41 -17.02
CA TRP B 227 19.66 -22.74 -15.64
C TRP B 227 20.55 -21.73 -14.90
N ASP B 228 20.99 -20.69 -15.60
CA ASP B 228 21.82 -19.66 -14.95
C ASP B 228 21.00 -18.64 -14.16
N VAL B 229 19.85 -18.26 -14.72
CA VAL B 229 18.98 -17.28 -14.09
C VAL B 229 18.45 -17.82 -12.76
N HIS B 230 18.30 -16.94 -11.76
CA HIS B 230 17.76 -17.35 -10.48
C HIS B 230 16.24 -17.24 -10.54
N LEU B 231 15.53 -18.29 -10.11
CA LEU B 231 14.06 -18.28 -10.17
C LEU B 231 13.45 -18.42 -8.78
N LEU B 232 12.59 -17.46 -8.41
CA LEU B 232 12.03 -17.40 -7.06
C LEU B 232 10.53 -17.65 -7.11
N HIS B 233 9.95 -18.08 -5.99
CA HIS B 233 8.50 -18.21 -5.94
C HIS B 233 8.01 -17.87 -4.55
N ASP B 234 6.89 -17.15 -4.48
CA ASP B 234 6.31 -16.71 -3.22
C ASP B 234 5.04 -17.50 -2.96
N ILE B 235 5.07 -18.35 -1.94
CA ILE B 235 3.94 -19.18 -1.56
C ILE B 235 2.87 -18.38 -0.81
N HIS B 236 3.27 -17.25 -0.26
CA HIS B 236 2.34 -16.29 0.34
C HIS B 236 1.43 -16.84 1.44
N HIS B 237 2.00 -17.67 2.31
CA HIS B 237 1.40 -18.05 3.60
C HIS B 237 0.32 -19.12 3.45
N ARG B 238 0.24 -19.77 2.29
CA ARG B 238 -0.97 -20.55 2.00
C ARG B 238 -0.90 -22.07 2.19
N LEU B 239 0.22 -22.59 2.68
CA LEU B 239 0.37 -24.04 2.88
C LEU B 239 0.57 -24.39 4.34
N THR B 240 0.18 -25.59 4.74
CA THR B 240 0.58 -26.13 6.03
C THR B 240 2.02 -26.64 5.89
N PRO B 241 2.71 -26.88 7.02
CA PRO B 241 4.13 -27.29 6.91
C PRO B 241 4.34 -28.56 6.09
N ILE B 242 3.53 -29.59 6.28
CA ILE B 242 3.76 -30.82 5.53
C ILE B 242 3.45 -30.64 4.03
N GLU B 243 2.50 -29.76 3.70
CA GLU B 243 2.24 -29.42 2.31
C GLU B 243 3.43 -28.67 1.70
N ALA B 244 4.03 -27.77 2.47
CA ALA B 244 5.20 -27.04 1.97
C ALA B 244 6.41 -27.95 1.77
N GLY B 245 6.59 -28.94 2.64
CA GLY B 245 7.63 -29.93 2.45
C GLY B 245 7.46 -30.62 1.10
N ARG B 246 6.23 -31.01 0.78
CA ARG B 246 5.94 -31.64 -0.51
C ARG B 246 6.23 -30.71 -1.68
N LEU B 247 5.76 -29.47 -1.61
CA LEU B 247 5.99 -28.55 -2.72
C LEU B 247 7.50 -28.38 -2.92
N GLY B 248 8.23 -28.25 -1.81
CA GLY B 248 9.68 -28.17 -1.92
C GLY B 248 10.28 -29.38 -2.63
N GLN B 249 9.84 -30.58 -2.20
N GLN B 249 9.87 -30.59 -2.26
CA GLN B 249 10.24 -31.84 -2.82
CA GLN B 249 10.45 -31.73 -2.94
C GLN B 249 10.04 -31.77 -4.34
C GLN B 249 10.05 -31.78 -4.41
N ASP B 250 8.86 -31.29 -4.73
CA ASP B 250 8.45 -31.23 -6.14
C ASP B 250 9.19 -30.17 -6.95
N LEU B 251 9.73 -29.16 -6.27
CA LEU B 251 10.44 -28.08 -6.97
C LEU B 251 11.98 -28.24 -6.98
N GLU B 252 12.51 -29.12 -6.15
CA GLU B 252 13.97 -29.35 -6.14
C GLU B 252 14.61 -29.57 -7.53
N PRO B 253 13.96 -30.34 -8.41
CA PRO B 253 14.57 -30.56 -9.74
C PRO B 253 14.84 -29.27 -10.50
N TYR B 254 14.09 -28.22 -10.20
CA TYR B 254 14.21 -26.96 -10.94
C TYR B 254 15.09 -25.93 -10.22
N ARG B 255 15.63 -26.32 -9.08
CA ARG B 255 16.61 -25.50 -8.35
C ARG B 255 16.16 -24.07 -8.09
N PRO B 256 15.04 -23.89 -7.39
CA PRO B 256 14.58 -22.53 -7.06
C PRO B 256 15.59 -21.78 -6.19
N PHE B 257 15.71 -20.48 -6.42
CA PHE B 257 16.56 -19.62 -5.58
C PHE B 257 15.99 -19.59 -4.16
N TRP B 258 14.68 -19.43 -4.06
CA TRP B 258 14.00 -19.64 -2.80
C TRP B 258 12.53 -19.91 -3.00
N LEU B 259 11.94 -20.50 -1.96
CA LEU B 259 10.50 -20.60 -1.82
C LEU B 259 10.17 -19.78 -0.60
N GLU B 260 9.31 -18.77 -0.77
CA GLU B 260 9.11 -17.75 0.23
C GLU B 260 7.78 -17.88 0.96
N ASP B 261 7.79 -17.61 2.27
CA ASP B 261 6.59 -17.56 3.10
C ASP B 261 5.72 -18.81 2.96
N ALA B 262 6.35 -19.97 3.12
CA ALA B 262 5.70 -21.24 2.86
C ALA B 262 4.45 -21.44 3.73
N THR B 263 4.55 -21.02 4.99
CA THR B 263 3.52 -21.30 5.98
C THR B 263 3.54 -20.16 7.01
N PRO B 264 2.39 -19.85 7.64
CA PRO B 264 2.40 -18.81 8.68
C PRO B 264 3.43 -19.14 9.75
N ALA B 265 4.14 -18.13 10.24
CA ALA B 265 5.30 -18.40 11.07
C ALA B 265 5.26 -17.76 12.46
N GLU B 266 4.07 -17.41 12.96
CA GLU B 266 3.97 -16.93 14.33
C GLU B 266 4.50 -18.00 15.25
N ASN B 267 4.21 -19.27 14.92
CA ASN B 267 4.85 -20.37 15.61
C ASN B 267 6.16 -20.67 14.88
N GLN B 268 7.29 -20.35 15.49
CA GLN B 268 8.55 -20.53 14.77
C GLN B 268 8.94 -21.99 14.58
N GLU B 269 8.20 -22.89 15.22
CA GLU B 269 8.42 -24.32 14.99
C GLU B 269 7.76 -24.79 13.69
N ALA B 270 6.96 -23.91 13.08
CA ALA B 270 6.17 -24.31 11.91
C ALA B 270 7.03 -24.69 10.72
N PHE B 271 8.28 -24.22 10.70
CA PHE B 271 9.18 -24.56 9.59
C PHE B 271 9.92 -25.89 9.76
N ARG B 272 9.81 -26.51 10.94
CA ARG B 272 10.59 -27.74 11.19
C ARG B 272 10.32 -28.86 10.19
N LEU B 273 9.04 -29.17 9.93
CA LEU B 273 8.71 -30.25 9.01
C LEU B 273 9.11 -29.92 7.58
N ILE B 274 9.12 -28.64 7.23
CA ILE B 274 9.50 -28.26 5.88
C ILE B 274 10.98 -28.58 5.70
N ARG B 275 11.77 -28.13 6.66
CA ARG B 275 13.24 -28.25 6.59
C ARG B 275 13.67 -29.70 6.63
N GLN B 276 12.87 -30.51 7.32
CA GLN B 276 13.16 -31.93 7.47
C GLN B 276 13.01 -32.68 6.14
N HIS B 277 12.12 -32.18 5.29
CA HIS B 277 11.73 -32.93 4.09
C HIS B 277 12.19 -32.35 2.74
N THR B 278 12.70 -31.14 2.71
CA THR B 278 13.15 -30.56 1.43
C THR B 278 14.46 -29.81 1.56
N THR B 279 15.23 -29.79 0.47
CA THR B 279 16.45 -28.99 0.39
C THR B 279 16.23 -27.73 -0.43
N ALA B 280 14.99 -27.49 -0.86
CA ALA B 280 14.66 -26.22 -1.50
C ALA B 280 14.95 -25.07 -0.53
N PRO B 281 15.69 -24.04 -0.99
CA PRO B 281 16.00 -22.97 -0.04
C PRO B 281 14.73 -22.20 0.37
N LEU B 282 14.66 -21.82 1.64
CA LEU B 282 13.45 -21.21 2.20
C LEU B 282 13.70 -19.77 2.61
N ALA B 283 12.73 -18.91 2.33
CA ALA B 283 12.80 -17.50 2.71
C ALA B 283 11.54 -17.12 3.51
N VAL B 284 11.69 -16.25 4.50
CA VAL B 284 10.52 -15.78 5.25
C VAL B 284 10.83 -14.43 5.89
N GLY B 285 9.79 -13.66 6.18
CA GLY B 285 9.93 -12.60 7.15
C GLY B 285 9.58 -11.19 6.72
N GLU B 286 8.98 -11.00 5.54
CA GLU B 286 8.60 -9.64 5.15
C GLU B 286 7.64 -9.00 6.18
N ILE B 287 6.83 -9.82 6.86
CA ILE B 287 5.92 -9.28 7.86
C ILE B 287 6.46 -9.25 9.29
N PHE B 288 7.70 -9.70 9.49
CA PHE B 288 8.30 -9.68 10.82
C PHE B 288 8.64 -8.24 11.21
N ASN B 289 8.48 -7.90 12.48
CA ASN B 289 8.82 -6.55 12.90
C ASN B 289 9.95 -6.47 13.94
N SER B 290 10.45 -7.62 14.36
CA SER B 290 11.62 -7.61 15.24
C SER B 290 12.38 -8.92 15.20
N ILE B 291 13.59 -8.89 15.73
CA ILE B 291 14.45 -10.06 15.78
C ILE B 291 13.78 -11.21 16.53
N TRP B 292 12.86 -10.88 17.42
CA TRP B 292 12.17 -11.91 18.23
C TRP B 292 11.20 -12.76 17.41
N ASP B 293 10.83 -12.27 16.23
CA ASP B 293 10.00 -13.03 15.30
C ASP B 293 10.81 -14.08 14.53
N ALA B 294 12.14 -13.96 14.55
CA ALA B 294 13.00 -14.77 13.68
C ALA B 294 14.08 -15.55 14.42
N LYS B 295 14.27 -15.26 15.70
CA LYS B 295 15.41 -15.80 16.44
C LYS B 295 15.53 -17.32 16.38
N ASP B 296 14.41 -18.02 16.55
CA ASP B 296 14.42 -19.49 16.54
C ASP B 296 14.50 -20.04 15.11
N LEU B 297 13.83 -19.40 14.17
CA LEU B 297 13.92 -19.81 12.78
C LEU B 297 15.38 -19.75 12.33
N ILE B 298 16.10 -18.77 12.83
CA ILE B 298 17.52 -18.61 12.48
C ILE B 298 18.42 -19.61 13.23
N GLN B 299 18.31 -19.64 14.56
CA GLN B 299 19.18 -20.49 15.35
C GLN B 299 18.93 -21.97 15.11
N ASN B 300 17.70 -22.34 14.75
CA ASN B 300 17.43 -23.74 14.44
C ASN B 300 17.68 -24.07 12.96
N GLN B 301 18.20 -23.10 12.22
CA GLN B 301 18.57 -23.30 10.81
C GLN B 301 17.39 -23.79 9.98
N LEU B 302 16.26 -23.10 10.10
CA LEU B 302 15.05 -23.49 9.40
C LEU B 302 14.81 -22.68 8.12
N ILE B 303 15.62 -21.65 7.91
CA ILE B 303 15.49 -20.80 6.71
C ILE B 303 16.85 -20.45 6.14
N ASP B 304 16.85 -20.02 4.88
CA ASP B 304 18.10 -19.64 4.20
C ASP B 304 18.21 -18.16 3.93
N TYR B 305 17.06 -17.48 3.91
CA TYR B 305 17.00 -16.03 3.66
C TYR B 305 16.02 -15.38 4.61
N ILE B 306 16.41 -14.24 5.16
CA ILE B 306 15.56 -13.45 6.05
C ILE B 306 15.11 -12.19 5.31
N ARG B 307 13.79 -11.98 5.26
CA ARG B 307 13.17 -11.01 4.37
C ARG B 307 12.75 -9.71 5.04
N ALA B 308 13.05 -9.59 6.32
CA ALA B 308 12.66 -8.39 7.09
C ALA B 308 13.27 -7.13 6.48
N THR B 309 12.60 -6.00 6.67
CA THR B 309 12.99 -4.75 6.01
C THR B 309 13.28 -3.63 6.98
N VAL B 310 13.99 -2.62 6.49
CA VAL B 310 14.32 -1.45 7.27
C VAL B 310 13.05 -0.81 7.84
N VAL B 311 12.02 -0.68 7.01
CA VAL B 311 10.82 0.05 7.42
C VAL B 311 9.93 -0.70 8.40
N HIS B 312 9.87 -2.03 8.29
CA HIS B 312 8.93 -2.76 9.13
C HIS B 312 9.55 -3.48 10.33
N ALA B 313 10.88 -3.59 10.34
CA ALA B 313 11.55 -4.25 11.44
C ALA B 313 12.49 -3.33 12.21
N GLY B 314 12.06 -2.09 12.47
CA GLY B 314 12.78 -1.25 13.41
C GLY B 314 14.00 -0.49 12.90
N GLY B 315 14.10 -0.32 11.59
CA GLY B 315 15.12 0.54 11.02
C GLY B 315 16.47 -0.12 10.76
N ILE B 316 17.42 0.70 10.34
CA ILE B 316 18.79 0.22 10.09
C ILE B 316 19.41 -0.37 11.35
N THR B 317 19.24 0.33 12.47
CA THR B 317 19.81 -0.13 13.72
C THR B 317 19.44 -1.57 14.05
N HIS B 318 18.15 -1.88 13.97
CA HIS B 318 17.68 -3.23 14.32
C HIS B 318 17.90 -4.26 13.20
N LEU B 319 17.72 -3.86 11.94
CA LEU B 319 17.89 -4.82 10.85
C LEU B 319 19.33 -5.35 10.77
N ARG B 320 20.29 -4.51 11.15
N ARG B 320 20.29 -4.51 11.15
CA ARG B 320 21.69 -4.96 11.17
CA ARG B 320 21.69 -4.94 11.19
C ARG B 320 21.91 -6.04 12.22
C ARG B 320 21.86 -6.07 12.19
N ARG B 321 21.15 -5.99 13.31
CA ARG B 321 21.23 -7.01 14.34
C ARG B 321 20.62 -8.33 13.89
N ILE B 322 19.50 -8.23 13.17
CA ILE B 322 18.89 -9.43 12.59
C ILE B 322 19.86 -10.09 11.61
N ALA B 323 20.48 -9.27 10.75
CA ALA B 323 21.42 -9.81 9.76
C ALA B 323 22.62 -10.44 10.44
N ALA B 324 23.08 -9.83 11.53
CA ALA B 324 24.25 -10.35 12.25
C ALA B 324 23.98 -11.72 12.83
N LEU B 325 22.79 -11.92 13.39
CA LEU B 325 22.42 -13.24 13.93
C LEU B 325 22.34 -14.27 12.79
N ALA B 326 21.65 -13.89 11.72
CA ALA B 326 21.55 -14.72 10.53
C ALA B 326 22.93 -15.17 10.02
N ASP B 327 23.89 -14.25 10.01
CA ASP B 327 25.21 -14.53 9.44
C ASP B 327 25.89 -15.72 10.13
N LEU B 328 25.66 -15.87 11.42
CA LEU B 328 26.28 -16.97 12.18
C LEU B 328 25.90 -18.33 11.62
N TYR B 329 24.76 -18.37 10.93
CA TYR B 329 24.23 -19.61 10.38
C TYR B 329 24.25 -19.64 8.85
N GLN B 330 25.00 -18.70 8.27
CA GLN B 330 25.11 -18.56 6.81
C GLN B 330 23.77 -18.22 6.15
N ILE B 331 22.86 -17.64 6.94
CA ILE B 331 21.58 -17.19 6.40
C ILE B 331 21.80 -15.78 5.83
N ARG B 332 21.23 -15.51 4.65
CA ARG B 332 21.51 -14.26 3.95
C ARG B 332 20.30 -13.34 3.94
N THR B 333 20.54 -12.06 3.69
CA THR B 333 19.44 -11.09 3.66
C THR B 333 18.70 -11.14 2.33
N GLY B 334 17.40 -10.96 2.37
CA GLY B 334 16.60 -10.90 1.16
C GLY B 334 15.46 -9.93 1.33
N CYS B 335 15.79 -8.68 1.65
CA CYS B 335 14.75 -7.68 1.93
C CYS B 335 13.59 -7.63 0.95
N HIS B 336 12.39 -7.63 1.52
CA HIS B 336 11.13 -7.35 0.82
C HIS B 336 11.26 -5.98 0.14
N GLY B 337 10.64 -5.82 -1.02
CA GLY B 337 10.82 -4.61 -1.81
C GLY B 337 9.62 -4.33 -2.70
N ALA B 338 8.43 -4.64 -2.20
CA ALA B 338 7.20 -4.31 -2.92
C ALA B 338 6.99 -2.79 -3.00
N THR B 339 6.03 -2.34 -3.81
CA THR B 339 5.83 -0.91 -4.03
C THR B 339 5.40 -0.16 -2.78
N ASP B 340 4.87 -0.89 -1.80
CA ASP B 340 4.37 -0.24 -0.58
C ASP B 340 5.49 0.13 0.39
N LEU B 341 6.72 -0.09 -0.03
CA LEU B 341 7.86 0.48 0.68
C LEU B 341 8.30 1.66 -0.18
N SER B 342 8.32 2.86 0.39
CA SER B 342 8.59 4.06 -0.39
C SER B 342 10.05 4.16 -0.81
N PRO B 343 10.35 5.09 -1.74
CA PRO B 343 11.75 5.29 -2.13
C PRO B 343 12.65 5.67 -0.95
N VAL B 344 12.08 6.21 0.13
CA VAL B 344 12.88 6.46 1.32
C VAL B 344 13.35 5.13 1.91
N CYS B 345 12.43 4.17 2.03
CA CYS B 345 12.81 2.83 2.47
C CYS B 345 13.82 2.20 1.51
N MET B 346 13.56 2.28 0.21
CA MET B 346 14.47 1.68 -0.77
C MET B 346 15.89 2.26 -0.67
N ALA B 347 15.99 3.58 -0.50
CA ALA B 347 17.31 4.19 -0.32
C ALA B 347 18.02 3.56 0.89
N ALA B 348 17.32 3.49 2.01
CA ALA B 348 17.88 2.90 3.21
C ALA B 348 18.25 1.43 3.01
N ALA B 349 17.37 0.71 2.33
CA ALA B 349 17.59 -0.72 2.07
C ALA B 349 18.84 -0.93 1.23
N LEU B 350 19.09 -0.02 0.29
CA LEU B 350 20.25 -0.17 -0.60
C LEU B 350 21.56 0.18 0.09
N HIS B 351 21.54 1.16 1.00
CA HIS B 351 22.72 1.44 1.81
C HIS B 351 23.02 0.23 2.69
N PHE B 352 21.98 -0.34 3.30
CA PHE B 352 22.11 -1.57 4.08
C PHE B 352 22.64 -2.73 3.21
N ASP B 353 22.05 -2.93 2.04
CA ASP B 353 22.41 -4.02 1.13
C ASP B 353 23.86 -3.93 0.65
N LEU B 354 24.35 -2.71 0.38
CA LEU B 354 25.68 -2.57 -0.17
C LEU B 354 26.75 -2.89 0.86
N SER B 355 26.40 -2.73 2.14
CA SER B 355 27.39 -2.84 3.21
C SER B 355 27.31 -4.16 3.99
N VAL B 356 26.13 -4.76 4.08
CA VAL B 356 25.99 -5.95 4.92
C VAL B 356 26.79 -7.15 4.36
N PRO B 357 27.54 -7.86 5.23
CA PRO B 357 28.39 -8.92 4.66
C PRO B 357 27.58 -10.08 4.06
N ASN B 358 26.52 -10.51 4.76
CA ASN B 358 25.72 -11.64 4.29
C ASN B 358 24.50 -11.25 3.43
N PHE B 359 24.72 -10.38 2.46
CA PHE B 359 23.68 -10.02 1.51
C PHE B 359 23.31 -11.19 0.59
N GLY B 360 22.00 -11.39 0.38
CA GLY B 360 21.53 -12.41 -0.56
C GLY B 360 20.99 -11.81 -1.83
N ILE B 361 19.93 -11.02 -1.71
CA ILE B 361 19.28 -10.43 -2.88
C ILE B 361 18.37 -9.33 -2.40
N GLN B 362 17.97 -8.41 -3.29
CA GLN B 362 17.01 -7.38 -2.93
C GLN B 362 15.83 -7.43 -3.88
N GLU B 363 14.63 -7.47 -3.34
CA GLU B 363 13.43 -7.41 -4.17
C GLU B 363 13.28 -6.01 -4.75
N TYR B 364 12.94 -5.91 -6.03
CA TYR B 364 12.73 -4.60 -6.66
C TYR B 364 11.48 -4.53 -7.51
N MET B 365 10.39 -4.03 -6.94
CA MET B 365 9.23 -3.66 -7.75
C MET B 365 9.36 -2.18 -8.10
N ARG B 366 9.24 -1.84 -9.37
CA ARG B 366 9.40 -0.43 -9.78
C ARG B 366 8.25 0.43 -9.27
N HIS B 367 8.58 1.61 -8.77
CA HIS B 367 7.56 2.56 -8.35
C HIS B 367 6.99 3.28 -9.56
N MET B 368 5.79 3.82 -9.41
N MET B 368 5.79 3.82 -9.42
CA MET B 368 5.21 4.65 -10.46
CA MET B 368 5.20 4.62 -10.49
C MET B 368 6.07 5.89 -10.65
C MET B 368 5.96 5.93 -10.63
N PRO B 369 6.06 6.47 -11.85
CA PRO B 369 6.81 7.70 -12.08
C PRO B 369 6.44 8.82 -11.10
N GLU B 370 5.17 8.96 -10.77
CA GLU B 370 4.77 10.06 -9.88
C GLU B 370 5.27 9.82 -8.45
N THR B 371 5.45 8.56 -8.07
CA THR B 371 6.08 8.25 -6.79
C THR B 371 7.54 8.71 -6.79
N ASP B 372 8.26 8.43 -7.87
CA ASP B 372 9.64 8.88 -7.99
C ASP B 372 9.75 10.41 -8.00
N ALA B 373 8.75 11.07 -8.59
CA ALA B 373 8.73 12.53 -8.63
C ALA B 373 8.54 13.12 -7.24
N VAL B 374 7.67 12.50 -6.44
CA VAL B 374 7.49 12.95 -5.07
C VAL B 374 8.70 12.70 -4.18
N PHE B 375 9.44 11.61 -4.46
CA PHE B 375 10.61 11.23 -3.66
C PHE B 375 11.89 11.15 -4.51
N PRO B 376 12.42 12.29 -4.93
CA PRO B 376 13.67 12.29 -5.72
C PRO B 376 14.77 11.59 -4.93
N HIS B 377 15.61 10.83 -5.62
CA HIS B 377 16.60 9.99 -4.94
C HIS B 377 17.81 9.76 -5.82
N ALA B 378 18.92 9.36 -5.20
CA ALA B 378 20.16 9.14 -5.91
C ALA B 378 20.36 7.69 -6.34
N TYR B 379 19.57 6.76 -5.82
CA TYR B 379 19.83 5.37 -6.17
C TYR B 379 19.53 5.05 -7.63
N THR B 380 20.24 4.07 -8.17
CA THR B 380 20.15 3.74 -9.60
C THR B 380 19.95 2.26 -9.81
N PHE B 381 19.49 1.92 -11.01
CA PHE B 381 19.32 0.55 -11.45
C PHE B 381 19.88 0.42 -12.86
N ALA B 382 20.74 -0.56 -13.07
CA ALA B 382 21.22 -0.88 -14.41
C ALA B 382 21.68 -2.33 -14.50
N ASP B 383 21.26 -3.02 -15.55
CA ASP B 383 21.74 -4.37 -15.84
C ASP B 383 21.55 -5.30 -14.64
N GLY B 384 20.36 -5.24 -14.05
CA GLY B 384 19.99 -6.15 -12.99
C GLY B 384 20.60 -5.83 -11.63
N MET B 385 21.25 -4.69 -11.52
CA MET B 385 21.94 -4.33 -10.26
C MET B 385 21.56 -2.92 -9.83
N MET B 386 21.41 -2.71 -8.52
CA MET B 386 21.19 -1.37 -7.99
C MET B 386 22.39 -0.84 -7.18
N HIS B 387 22.42 0.47 -6.95
CA HIS B 387 23.43 1.08 -6.11
C HIS B 387 22.79 2.27 -5.42
N PRO B 388 23.10 2.47 -4.12
CA PRO B 388 22.43 3.53 -3.37
C PRO B 388 22.88 4.96 -3.74
N GLY B 389 23.99 5.07 -4.46
CA GLY B 389 24.54 6.38 -4.80
C GLY B 389 25.46 6.91 -3.72
N ASP B 390 26.11 8.05 -3.97
CA ASP B 390 27.08 8.56 -3.00
C ASP B 390 26.76 9.92 -2.42
N GLN B 391 25.49 10.31 -2.45
CA GLN B 391 25.09 11.55 -1.77
C GLN B 391 25.21 11.35 -0.26
N PRO B 392 25.46 12.45 0.47
CA PRO B 392 25.46 12.33 1.94
C PRO B 392 24.09 11.84 2.45
N GLY B 393 24.08 11.12 3.56
CA GLY B 393 22.84 10.61 4.11
C GLY B 393 22.28 9.46 3.30
N LEU B 394 20.94 9.35 3.25
CA LEU B 394 20.29 8.31 2.48
C LEU B 394 20.24 8.61 0.97
N GLY B 395 20.37 9.88 0.60
CA GLY B 395 20.30 10.26 -0.80
C GLY B 395 18.87 10.31 -1.30
N VAL B 396 17.96 10.79 -0.47
CA VAL B 396 16.56 10.88 -0.86
C VAL B 396 15.95 12.15 -0.27
N ASP B 397 14.92 12.68 -0.93
CA ASP B 397 14.24 13.85 -0.41
C ASP B 397 12.75 13.67 -0.68
N ILE B 398 11.94 14.58 -0.17
CA ILE B 398 10.52 14.60 -0.51
C ILE B 398 10.13 15.99 -1.01
N ASP B 399 9.42 16.02 -2.12
CA ASP B 399 8.93 17.28 -2.69
C ASP B 399 7.58 17.57 -2.02
N GLU B 400 7.60 18.38 -0.97
CA GLU B 400 6.40 18.60 -0.18
C GLU B 400 5.24 19.27 -0.94
N ASP B 401 5.56 20.21 -1.81
CA ASP B 401 4.53 20.88 -2.60
C ASP B 401 3.85 19.90 -3.56
N LEU B 402 4.64 19.03 -4.18
CA LEU B 402 4.06 18.03 -5.07
C LEU B 402 3.30 16.98 -4.26
N ALA B 403 3.88 16.54 -3.14
CA ALA B 403 3.22 15.56 -2.29
C ALA B 403 1.84 16.04 -1.85
N ALA B 404 1.71 17.35 -1.60
CA ALA B 404 0.48 17.92 -1.09
C ALA B 404 -0.67 17.83 -2.09
N GLY B 405 -0.35 17.66 -3.37
CA GLY B 405 -1.37 17.59 -4.40
C GLY B 405 -1.98 16.22 -4.51
N TYR B 406 -1.33 15.22 -3.91
CA TYR B 406 -1.83 13.85 -3.98
C TYR B 406 -2.40 13.44 -2.62
N GLU B 407 -3.71 13.59 -2.44
CA GLU B 407 -4.31 13.30 -1.14
C GLU B 407 -4.44 11.81 -0.85
N TYR B 408 -4.35 11.46 0.42
CA TYR B 408 -4.60 10.10 0.91
C TYR B 408 -5.88 9.48 0.32
N LYS B 409 -5.77 8.23 -0.11
CA LYS B 409 -6.93 7.49 -0.62
C LYS B 409 -6.95 6.12 0.03
N ARG B 410 -7.96 5.87 0.86
CA ARG B 410 -8.04 4.59 1.59
C ARG B 410 -7.95 3.39 0.65
N ALA B 411 -7.06 2.45 0.96
CA ALA B 411 -6.91 1.24 0.15
C ALA B 411 -6.46 0.06 1.03
N PHE B 412 -7.18 -1.05 0.95
CA PHE B 412 -6.89 -2.22 1.80
C PHE B 412 -6.18 -3.34 1.03
N LEU B 413 -5.40 -4.14 1.74
CA LEU B 413 -4.91 -5.40 1.17
C LEU B 413 -6.08 -6.37 1.06
N PRO B 414 -5.99 -7.31 0.11
CA PRO B 414 -7.07 -8.29 -0.07
C PRO B 414 -7.11 -9.31 1.06
N VAL B 415 -8.20 -10.06 1.12
CA VAL B 415 -8.30 -11.19 2.04
C VAL B 415 -8.55 -12.44 1.22
N ASN B 416 -8.34 -13.60 1.85
CA ASN B 416 -8.44 -14.88 1.17
C ASN B 416 -9.34 -15.78 2.02
N ARG B 417 -10.22 -16.55 1.37
CA ARG B 417 -11.03 -17.54 2.07
C ARG B 417 -10.99 -18.86 1.33
N LEU B 418 -11.21 -19.96 2.04
CA LEU B 418 -11.31 -21.26 1.40
C LEU B 418 -12.66 -21.38 0.69
N GLU B 419 -12.83 -22.45 -0.08
CA GLU B 419 -14.06 -22.61 -0.85
C GLU B 419 -15.31 -22.74 0.00
N ASP B 420 -15.15 -23.18 1.26
CA ASP B 420 -16.29 -23.25 2.17
C ASP B 420 -16.55 -21.94 2.93
N GLY B 421 -15.77 -20.91 2.63
CA GLY B 421 -15.95 -19.63 3.29
C GLY B 421 -15.02 -19.35 4.48
N THR B 422 -14.23 -20.34 4.89
CA THR B 422 -13.32 -20.19 6.03
C THR B 422 -12.30 -19.07 5.79
N MET B 423 -12.13 -18.17 6.75
CA MET B 423 -11.07 -17.17 6.65
C MET B 423 -9.73 -17.89 6.50
N PHE B 424 -8.92 -17.40 5.58
CA PHE B 424 -7.64 -18.04 5.32
C PHE B 424 -6.56 -16.97 5.17
N ASN B 425 -5.37 -17.38 4.78
CA ASN B 425 -4.25 -16.47 4.66
C ASN B 425 -4.14 -15.92 3.27
N TRP B 426 -4.03 -14.60 3.14
CA TRP B 426 -3.78 -14.03 1.83
C TRP B 426 -2.28 -13.86 1.65
N MET C 23 -33.63 -13.02 15.92
CA MET C 23 -32.89 -11.79 15.64
C MET C 23 -31.55 -12.10 14.97
N MET C 24 -31.35 -11.52 13.78
CA MET C 24 -30.12 -11.71 13.01
C MET C 24 -29.47 -10.37 12.67
N PRO C 25 -28.80 -9.76 13.67
CA PRO C 25 -28.31 -8.39 13.59
C PRO C 25 -27.19 -8.22 12.57
N LYS C 26 -27.30 -7.18 11.74
CA LYS C 26 -26.20 -6.75 10.89
C LYS C 26 -25.60 -5.48 11.47
N ILE C 27 -24.28 -5.35 11.40
CA ILE C 27 -23.65 -4.11 11.85
C ILE C 27 -23.97 -2.97 10.89
N ILE C 28 -24.48 -1.87 11.41
CA ILE C 28 -24.83 -0.73 10.56
C ILE C 28 -23.91 0.46 10.78
N ASP C 29 -23.32 0.53 11.97
CA ASP C 29 -22.44 1.63 12.30
C ASP C 29 -21.55 1.24 13.47
N ALA C 30 -20.39 1.88 13.55
CA ALA C 30 -19.50 1.68 14.69
C ALA C 30 -18.72 2.96 14.86
N LYS C 31 -18.37 3.29 16.10
CA LYS C 31 -17.60 4.50 16.34
C LYS C 31 -16.73 4.36 17.57
N VAL C 32 -15.67 5.16 17.58
CA VAL C 32 -14.73 5.21 18.69
C VAL C 32 -15.06 6.44 19.53
N ILE C 33 -15.20 6.23 20.83
CA ILE C 33 -15.42 7.32 21.76
C ILE C 33 -14.18 7.51 22.62
N ILE C 34 -13.70 8.75 22.70
CA ILE C 34 -12.48 9.05 23.45
C ILE C 34 -12.82 10.00 24.59
N THR C 35 -12.42 9.65 25.81
CA THR C 35 -12.79 10.47 26.97
C THR C 35 -11.72 10.37 28.05
N CYS C 36 -11.67 11.38 28.92
CA CYS C 36 -10.65 11.38 29.97
C CYS C 36 -11.24 11.76 31.34
N PRO C 37 -12.11 10.88 31.89
CA PRO C 37 -12.65 11.11 33.23
C PRO C 37 -11.67 10.72 34.33
N GLY C 38 -10.54 11.44 34.43
CA GLY C 38 -9.50 11.07 35.37
C GLY C 38 -8.27 10.46 34.72
N ARG C 39 -8.47 9.81 33.57
CA ARG C 39 -7.38 9.34 32.70
C ARG C 39 -8.01 8.96 31.35
N ASN C 40 -7.20 8.72 30.34
CA ASN C 40 -7.72 8.46 28.99
C ASN C 40 -8.32 7.06 28.84
N PHE C 41 -9.48 7.00 28.19
CA PHE C 41 -10.08 5.73 27.81
C PHE C 41 -10.57 5.83 26.38
N VAL C 42 -10.38 4.74 25.63
CA VAL C 42 -10.88 4.67 24.27
C VAL C 42 -11.85 3.49 24.22
N THR C 43 -13.02 3.72 23.65
CA THR C 43 -14.10 2.73 23.66
C THR C 43 -14.67 2.55 22.26
N LEU C 44 -14.91 1.31 21.86
CA LEU C 44 -15.60 1.03 20.61
C LEU C 44 -17.07 0.71 20.88
N LYS C 45 -17.97 1.34 20.13
CA LYS C 45 -19.39 1.00 20.19
C LYS C 45 -19.84 0.51 18.82
N ILE C 46 -20.34 -0.72 18.77
CA ILE C 46 -20.84 -1.31 17.53
C ILE C 46 -22.37 -1.39 17.57
N MET C 47 -23.01 -0.72 16.61
N MET C 47 -22.99 -0.79 16.56
CA MET C 47 -24.47 -0.72 16.52
CA MET C 47 -24.45 -0.69 16.50
C MET C 47 -24.98 -1.64 15.42
C MET C 47 -25.02 -1.58 15.39
N THR C 48 -26.07 -2.34 15.71
CA THR C 48 -26.69 -3.24 14.73
C THR C 48 -28.04 -2.69 14.24
N ASP C 49 -28.55 -3.27 13.16
CA ASP C 49 -29.83 -2.83 12.60
C ASP C 49 -31.04 -3.21 13.46
N GLU C 50 -30.82 -4.03 14.48
CA GLU C 50 -31.88 -4.42 15.41
C GLU C 50 -31.95 -3.48 16.62
N GLY C 51 -31.00 -2.55 16.71
CA GLY C 51 -30.96 -1.62 17.82
C GLY C 51 -30.04 -2.06 18.94
N VAL C 52 -29.69 -3.34 18.96
CA VAL C 52 -28.75 -3.87 19.94
C VAL C 52 -27.33 -3.37 19.64
N TYR C 53 -26.64 -2.88 20.66
CA TYR C 53 -25.25 -2.47 20.49
C TYR C 53 -24.32 -3.18 21.46
N GLY C 54 -23.03 -3.18 21.14
CA GLY C 54 -22.02 -3.76 22.01
C GLY C 54 -20.88 -2.78 22.26
N LEU C 55 -20.26 -2.90 23.43
CA LEU C 55 -19.13 -2.05 23.79
C LEU C 55 -17.85 -2.85 23.98
N GLY C 56 -16.72 -2.25 23.60
CA GLY C 56 -15.43 -2.87 23.81
C GLY C 56 -14.36 -1.87 24.20
N ASP C 57 -13.54 -2.22 25.17
CA ASP C 57 -12.41 -1.35 25.56
C ASP C 57 -11.34 -1.42 24.48
N ALA C 58 -10.75 -0.27 24.16
CA ALA C 58 -9.68 -0.19 23.17
C ALA C 58 -8.54 0.66 23.70
N THR C 59 -8.45 0.80 25.02
CA THR C 59 -7.46 1.68 25.63
C THR C 59 -6.08 1.04 25.66
N LEU C 60 -5.09 1.75 25.11
CA LEU C 60 -3.70 1.34 25.18
C LEU C 60 -2.87 2.48 25.77
N ASN C 61 -2.57 2.38 27.07
CA ASN C 61 -2.01 3.47 27.86
C ASN C 61 -0.75 4.09 27.23
N GLY C 62 -0.80 5.39 26.95
CA GLY C 62 0.36 6.10 26.44
C GLY C 62 0.50 6.11 24.92
N ARG C 63 -0.35 5.34 24.24
CA ARG C 63 -0.36 5.26 22.78
C ARG C 63 -1.80 5.23 22.29
N GLU C 64 -2.68 5.89 23.04
CA GLU C 64 -4.12 5.72 22.86
C GLU C 64 -4.65 6.02 21.45
N LEU C 65 -4.16 7.09 20.83
CA LEU C 65 -4.72 7.54 19.56
C LEU C 65 -4.32 6.65 18.38
N ALA C 66 -3.25 5.89 18.55
CA ALA C 66 -2.85 4.93 17.50
C ALA C 66 -3.93 3.85 17.33
N VAL C 67 -4.49 3.36 18.45
CA VAL C 67 -5.58 2.39 18.39
C VAL C 67 -6.86 3.07 17.88
N ALA C 68 -7.10 4.30 18.33
CA ALA C 68 -8.27 5.05 17.86
C ALA C 68 -8.30 5.13 16.34
N SER C 69 -7.15 5.45 15.75
CA SER C 69 -7.04 5.54 14.30
C SER C 69 -7.10 4.17 13.63
N TYR C 70 -6.41 3.18 14.21
CA TYR C 70 -6.49 1.81 13.67
C TYR C 70 -7.96 1.41 13.52
N LEU C 71 -8.77 1.71 14.52
CA LEU C 71 -10.19 1.40 14.46
C LEU C 71 -10.96 2.31 13.49
N THR C 72 -10.87 3.61 13.70
CA THR C 72 -11.72 4.52 12.94
C THR C 72 -11.39 4.49 11.44
N ASP C 73 -10.09 4.47 11.12
CA ASP C 73 -9.65 4.59 9.75
C ASP C 73 -9.55 3.28 8.97
N HIS C 74 -9.46 2.16 9.67
CA HIS C 74 -9.18 0.90 8.98
C HIS C 74 -10.14 -0.24 9.35
N VAL C 75 -10.28 -0.52 10.64
CA VAL C 75 -11.17 -1.62 11.07
C VAL C 75 -12.66 -1.33 10.83
N ILE C 76 -13.11 -0.16 11.27
CA ILE C 76 -14.56 0.13 11.26
C ILE C 76 -15.21 0.05 9.86
N PRO C 77 -14.57 0.62 8.83
CA PRO C 77 -15.14 0.48 7.48
C PRO C 77 -15.39 -0.98 7.09
N CYS C 78 -14.55 -1.89 7.58
CA CYS C 78 -14.67 -3.31 7.24
C CYS C 78 -15.76 -3.99 8.07
N LEU C 79 -16.18 -3.37 9.17
CA LEU C 79 -17.21 -3.98 10.02
C LEU C 79 -18.60 -3.87 9.41
N ILE C 80 -18.82 -2.79 8.65
CA ILE C 80 -20.16 -2.45 8.21
C ILE C 80 -20.79 -3.52 7.32
N GLY C 81 -22.02 -3.90 7.65
CA GLY C 81 -22.75 -4.89 6.88
C GLY C 81 -22.58 -6.32 7.36
N ARG C 82 -21.61 -6.56 8.25
CA ARG C 82 -21.32 -7.92 8.68
C ARG C 82 -22.32 -8.48 9.67
N ASP C 83 -22.40 -9.81 9.70
CA ASP C 83 -23.26 -10.55 10.60
C ASP C 83 -22.68 -10.51 12.01
N ALA C 84 -23.35 -9.81 12.93
CA ALA C 84 -22.81 -9.63 14.27
C ALA C 84 -22.65 -10.94 15.05
N HIS C 85 -23.38 -11.97 14.63
CA HIS C 85 -23.30 -13.28 15.29
C HIS C 85 -21.96 -13.98 15.01
N ARG C 86 -21.31 -13.61 13.91
CA ARG C 86 -20.09 -14.31 13.50
C ARG C 86 -18.85 -13.74 14.19
N ILE C 87 -18.73 -14.04 15.49
CA ILE C 87 -17.61 -13.55 16.28
C ILE C 87 -16.27 -14.10 15.79
N GLU C 88 -16.18 -15.42 15.66
CA GLU C 88 -14.92 -16.03 15.21
C GLU C 88 -14.51 -15.53 13.83
N ASP C 89 -15.48 -15.40 12.94
CA ASP C 89 -15.15 -14.99 11.57
C ASP C 89 -14.57 -13.58 11.54
N LEU C 90 -15.16 -12.67 12.30
CA LEU C 90 -14.62 -11.31 12.36
C LEU C 90 -13.23 -11.29 13.04
N TRP C 91 -13.05 -12.10 14.08
CA TRP C 91 -11.72 -12.19 14.74
C TRP C 91 -10.66 -12.61 13.73
N GLN C 92 -10.93 -13.70 13.02
CA GLN C 92 -9.97 -14.20 12.03
C GLN C 92 -9.80 -13.21 10.87
N TYR C 93 -10.90 -12.61 10.44
CA TYR C 93 -10.85 -11.62 9.37
C TYR C 93 -9.90 -10.46 9.72
N LEU C 94 -10.01 -9.95 10.95
CA LEU C 94 -9.17 -8.84 11.38
C LEU C 94 -7.74 -9.30 11.65
N TYR C 95 -7.60 -10.48 12.24
CA TYR C 95 -6.27 -10.98 12.62
C TYR C 95 -5.45 -11.35 11.39
N LYS C 96 -6.00 -12.23 10.54
CA LYS C 96 -5.28 -12.61 9.32
C LYS C 96 -5.32 -11.49 8.30
N GLY C 97 -6.45 -10.80 8.21
CA GLY C 97 -6.69 -9.83 7.15
C GLY C 97 -5.81 -8.61 7.20
N ALA C 98 -5.33 -8.28 8.40
CA ALA C 98 -4.43 -7.15 8.59
C ALA C 98 -3.12 -7.34 7.84
N TYR C 99 -2.78 -8.60 7.57
CA TYR C 99 -1.53 -9.01 6.92
C TYR C 99 -0.32 -8.90 7.86
N TRP C 100 -0.13 -7.72 8.43
CA TRP C 100 0.87 -7.51 9.47
C TRP C 100 0.25 -7.99 10.78
N ARG C 101 0.75 -9.10 11.31
CA ARG C 101 0.06 -9.75 12.42
C ARG C 101 0.63 -9.44 13.80
N ARG C 102 -0.24 -9.55 14.80
CA ARG C 102 0.11 -9.37 16.21
C ARG C 102 0.42 -7.91 16.50
N GLY C 103 0.89 -7.62 17.72
CA GLY C 103 1.25 -6.27 18.08
C GLY C 103 0.25 -5.59 19.02
N PRO C 104 0.73 -4.63 19.81
CA PRO C 104 -0.16 -4.05 20.83
C PRO C 104 -1.29 -3.21 20.22
N VAL C 105 -1.02 -2.48 19.16
CA VAL C 105 -2.08 -1.65 18.56
C VAL C 105 -3.08 -2.55 17.84
N THR C 106 -2.55 -3.45 17.02
CA THR C 106 -3.35 -4.43 16.29
C THR C 106 -4.28 -5.24 17.18
N MET C 107 -3.73 -5.87 18.22
CA MET C 107 -4.51 -6.80 19.02
C MET C 107 -5.47 -6.11 19.97
N THR C 108 -5.19 -4.86 20.32
CA THR C 108 -6.14 -4.10 21.13
C THR C 108 -7.36 -3.71 20.30
N ALA C 109 -7.13 -3.30 19.05
CA ALA C 109 -8.25 -3.06 18.12
C ALA C 109 -9.11 -4.32 17.95
N ILE C 110 -8.46 -5.45 17.74
CA ILE C 110 -9.17 -6.72 17.59
C ILE C 110 -9.97 -7.08 18.85
N ALA C 111 -9.35 -6.86 20.01
CA ALA C 111 -10.01 -7.12 21.29
C ALA C 111 -11.28 -6.30 21.46
N ALA C 112 -11.21 -5.02 21.10
CA ALA C 112 -12.37 -4.13 21.21
C ALA C 112 -13.56 -4.65 20.40
N VAL C 113 -13.30 -5.06 19.18
CA VAL C 113 -14.34 -5.64 18.34
C VAL C 113 -14.87 -6.92 19.00
N ASP C 114 -13.96 -7.79 19.42
CA ASP C 114 -14.36 -9.08 19.99
C ASP C 114 -15.21 -8.91 21.24
N MET C 115 -14.79 -8.04 22.16
CA MET C 115 -15.58 -7.73 23.36
C MET C 115 -16.98 -7.23 23.01
N ALA C 116 -17.05 -6.28 22.08
CA ALA C 116 -18.33 -5.70 21.69
C ALA C 116 -19.28 -6.75 21.06
N LEU C 117 -18.70 -7.68 20.30
CA LEU C 117 -19.52 -8.73 19.68
C LEU C 117 -20.01 -9.74 20.73
N TRP C 118 -19.18 -10.08 21.72
CA TRP C 118 -19.67 -10.91 22.83
C TRP C 118 -20.77 -10.21 23.63
N ASP C 119 -20.61 -8.90 23.84
CA ASP C 119 -21.63 -8.08 24.49
C ASP C 119 -22.95 -8.25 23.72
N ILE C 120 -22.89 -8.05 22.41
CA ILE C 120 -24.08 -8.22 21.56
C ILE C 120 -24.66 -9.63 21.64
N LYS C 121 -23.80 -10.65 21.58
CA LYS C 121 -24.25 -12.04 21.68
C LYS C 121 -25.04 -12.28 22.96
N GLY C 122 -24.51 -11.78 24.09
CA GLY C 122 -25.18 -11.93 25.37
C GLY C 122 -26.55 -11.25 25.37
N LYS C 123 -26.61 -10.05 24.80
CA LYS C 123 -27.86 -9.30 24.74
C LYS C 123 -28.89 -10.02 23.89
N ILE C 124 -28.47 -10.54 22.75
CA ILE C 124 -29.34 -11.33 21.88
C ILE C 124 -29.83 -12.59 22.60
N ALA C 125 -28.94 -13.25 23.34
CA ALA C 125 -29.28 -14.47 24.06
C ALA C 125 -30.09 -14.21 25.34
N GLY C 126 -30.11 -12.96 25.79
CA GLY C 126 -30.70 -12.62 27.07
C GLY C 126 -29.94 -13.17 28.25
N LEU C 127 -28.61 -13.31 28.10
CA LEU C 127 -27.77 -13.91 29.14
C LEU C 127 -26.51 -13.10 29.37
N PRO C 128 -26.03 -13.07 30.61
CA PRO C 128 -24.71 -12.49 30.86
C PRO C 128 -23.64 -13.30 30.13
N VAL C 129 -22.59 -12.62 29.69
CA VAL C 129 -21.53 -13.29 28.94
C VAL C 129 -20.96 -14.57 29.59
N TYR C 130 -20.80 -14.57 30.92
CA TYR C 130 -20.23 -15.77 31.54
C TYR C 130 -21.06 -17.03 31.27
N GLN C 131 -22.37 -16.86 31.07
CA GLN C 131 -23.24 -18.01 30.80
C GLN C 131 -23.00 -18.59 29.40
N LEU C 132 -22.36 -17.80 28.53
CA LEU C 132 -22.00 -18.28 27.19
C LEU C 132 -20.64 -18.98 27.18
N LEU C 133 -19.86 -18.79 28.24
CA LEU C 133 -18.49 -19.31 28.30
C LEU C 133 -18.38 -20.53 29.22
N GLY C 134 -19.49 -21.25 29.38
CA GLY C 134 -19.48 -22.46 30.20
C GLY C 134 -20.17 -22.31 31.54
N GLY C 135 -20.71 -21.13 31.82
CA GLY C 135 -21.33 -20.88 33.11
C GLY C 135 -20.32 -20.59 34.20
N ALA C 136 -20.80 -20.39 35.42
CA ALA C 136 -19.93 -20.06 36.55
C ALA C 136 -19.15 -21.26 37.05
N SER C 137 -17.83 -21.11 37.17
CA SER C 137 -16.99 -22.12 37.80
C SER C 137 -16.79 -21.83 39.29
N ARG C 138 -17.26 -20.67 39.74
CA ARG C 138 -17.04 -20.25 41.11
C ARG C 138 -18.08 -19.22 41.53
N GLU C 139 -18.16 -18.94 42.83
CA GLU C 139 -19.17 -18.04 43.37
C GLU C 139 -18.78 -16.57 43.27
N GLY C 140 -17.49 -16.31 43.17
CA GLY C 140 -16.99 -14.95 43.13
C GLY C 140 -15.55 -14.95 42.67
N VAL C 141 -15.00 -13.77 42.45
CA VAL C 141 -13.68 -13.61 41.86
C VAL C 141 -12.76 -12.94 42.87
N MET C 142 -11.76 -13.67 43.37
CA MET C 142 -10.83 -13.09 44.32
C MET C 142 -9.96 -12.05 43.63
N VAL C 143 -9.76 -10.89 44.28
CA VAL C 143 -8.91 -9.85 43.72
C VAL C 143 -7.75 -9.53 44.65
N TYR C 144 -6.76 -8.80 44.15
CA TYR C 144 -5.77 -8.20 45.03
C TYR C 144 -5.77 -6.68 44.93
N GLY C 145 -5.47 -6.03 46.05
CA GLY C 145 -5.32 -4.59 46.12
C GLY C 145 -3.87 -4.18 46.15
N HIS C 146 -3.61 -2.88 46.30
CA HIS C 146 -2.27 -2.35 46.07
C HIS C 146 -1.73 -1.48 47.20
N ALA C 147 -0.96 -2.10 48.09
CA ALA C 147 -0.32 -1.39 49.19
C ALA C 147 1.02 -0.84 48.76
N ASN C 148 1.21 0.46 48.95
CA ASN C 148 2.52 1.04 48.65
C ASN C 148 2.88 2.11 49.66
N GLY C 149 4.18 2.31 49.86
CA GLY C 149 4.64 3.35 50.76
C GLY C 149 6.09 3.65 50.53
N THR C 150 6.55 4.82 51.00
CA THR C 150 7.94 5.18 50.81
C THR C 150 8.86 4.26 51.61
N THR C 151 8.51 4.01 52.86
CA THR C 151 9.29 3.09 53.66
C THR C 151 8.57 1.76 53.81
N ILE C 152 9.28 0.77 54.31
CA ILE C 152 8.69 -0.54 54.62
C ILE C 152 7.56 -0.39 55.63
N GLU C 153 7.81 0.36 56.71
CA GLU C 153 6.79 0.59 57.73
C GLU C 153 5.52 1.19 57.12
N ASP C 154 5.68 2.21 56.28
CA ASP C 154 4.55 2.81 55.56
C ASP C 154 3.77 1.77 54.77
N THR C 155 4.49 0.92 54.04
CA THR C 155 3.85 -0.08 53.19
C THR C 155 3.05 -1.07 54.01
N VAL C 156 3.65 -1.55 55.09
CA VAL C 156 2.97 -2.52 55.95
C VAL C 156 1.72 -1.90 56.60
N LYS C 157 1.82 -0.65 57.02
CA LYS C 157 0.67 0.06 57.57
C LYS C 157 -0.50 0.07 56.60
N VAL C 158 -0.23 0.43 55.35
CA VAL C 158 -1.27 0.45 54.33
C VAL C 158 -1.78 -0.96 54.07
N ALA C 159 -0.89 -1.93 54.02
CA ALA C 159 -1.30 -3.32 53.84
C ALA C 159 -2.27 -3.76 54.95
N LEU C 160 -2.01 -3.34 56.18
CA LEU C 160 -2.89 -3.70 57.30
C LEU C 160 -4.32 -3.18 57.10
N ASP C 161 -4.43 -1.99 56.50
CA ASP C 161 -5.73 -1.42 56.18
C ASP C 161 -6.47 -2.25 55.13
N TYR C 162 -5.76 -2.66 54.08
CA TYR C 162 -6.38 -3.55 53.09
C TYR C 162 -6.88 -4.84 53.74
N GLN C 163 -6.05 -5.42 54.60
CA GLN C 163 -6.43 -6.66 55.28
C GLN C 163 -7.71 -6.44 56.10
N ALA C 164 -7.78 -5.29 56.77
CA ALA C 164 -8.93 -4.99 57.63
C ALA C 164 -10.21 -4.74 56.81
N GLN C 165 -10.05 -4.36 55.55
CA GLN C 165 -11.19 -4.20 54.65
C GLN C 165 -11.65 -5.50 54.00
N GLY C 166 -10.94 -6.59 54.28
CA GLY C 166 -11.34 -7.89 53.78
C GLY C 166 -10.65 -8.37 52.52
N TYR C 167 -9.62 -7.66 52.07
CA TYR C 167 -8.80 -8.15 50.96
C TYR C 167 -8.09 -9.41 51.39
N LYS C 168 -8.13 -10.44 50.54
CA LYS C 168 -7.46 -11.70 50.84
C LYS C 168 -6.07 -11.74 50.23
N ALA C 169 -5.79 -10.74 49.39
CA ALA C 169 -4.54 -10.68 48.63
C ALA C 169 -4.14 -9.22 48.45
N ILE C 170 -2.85 -8.95 48.59
CA ILE C 170 -2.33 -7.59 48.58
C ILE C 170 -0.97 -7.56 47.92
N ARG C 171 -0.81 -6.68 46.93
CA ARG C 171 0.50 -6.43 46.34
C ARG C 171 1.29 -5.46 47.21
N LEU C 172 2.57 -5.73 47.42
CA LEU C 172 3.43 -4.88 48.25
C LEU C 172 4.50 -4.20 47.41
N GLN C 173 4.55 -2.88 47.46
CA GLN C 173 5.62 -2.13 46.79
C GLN C 173 6.14 -1.04 47.73
N CYS C 174 7.44 -1.04 47.97
CA CYS C 174 8.04 -0.02 48.84
C CYS C 174 9.12 0.75 48.09
N GLY C 175 9.51 1.89 48.66
CA GLY C 175 10.55 2.68 48.06
C GLY C 175 11.90 2.01 48.21
N VAL C 176 12.84 2.39 47.36
CA VAL C 176 14.20 1.90 47.49
C VAL C 176 14.98 3.01 48.18
N PRO C 177 15.49 2.74 49.39
CA PRO C 177 16.17 3.80 50.17
C PRO C 177 17.35 4.38 49.40
N GLY C 178 17.41 5.71 49.31
CA GLY C 178 18.48 6.35 48.58
C GLY C 178 18.09 6.71 47.16
N MET C 179 16.95 6.20 46.71
CA MET C 179 16.46 6.47 45.36
C MET C 179 15.16 7.28 45.42
N ALA C 180 15.05 8.26 44.52
CA ALA C 180 13.92 9.19 44.56
C ALA C 180 12.58 8.55 44.20
N SER C 181 12.61 7.50 43.38
CA SER C 181 11.37 6.86 42.95
C SER C 181 11.59 5.40 42.58
N THR C 182 10.49 4.65 42.47
CA THR C 182 10.55 3.27 42.02
C THR C 182 9.16 2.83 41.60
N TYR C 183 9.05 1.74 40.84
CA TYR C 183 7.74 1.31 40.39
C TYR C 183 6.73 1.12 41.54
N GLY C 184 5.53 1.64 41.35
CA GLY C 184 4.41 1.30 42.21
C GLY C 184 4.29 2.07 43.49
N VAL C 185 5.18 3.04 43.69
CA VAL C 185 5.12 3.88 44.89
C VAL C 185 4.72 5.32 44.55
N SER C 186 3.61 5.78 45.12
CA SER C 186 3.09 7.12 44.88
C SER C 186 2.18 7.58 46.03
N LYS C 187 1.54 8.73 45.85
CA LYS C 187 0.66 9.29 46.87
C LYS C 187 -0.73 8.64 46.91
N ASP C 188 -1.06 7.89 45.86
CA ASP C 188 -2.38 7.28 45.75
C ASP C 188 -2.45 5.92 46.47
N LYS C 189 -3.56 5.67 47.16
CA LYS C 189 -3.65 4.49 48.02
C LYS C 189 -4.22 3.25 47.36
N TYR C 190 -5.41 3.35 46.76
CA TYR C 190 -6.09 2.18 46.18
C TYR C 190 -5.82 1.96 44.69
N PHE C 191 -4.86 2.73 44.17
CA PHE C 191 -4.45 2.58 42.79
C PHE C 191 -3.10 3.25 42.58
N TYR C 192 -2.62 3.22 41.35
CA TYR C 192 -1.35 3.82 41.00
C TYR C 192 -1.50 4.33 39.57
N GLU C 193 -1.31 5.63 39.35
CA GLU C 193 -1.52 6.23 38.04
C GLU C 193 -0.23 6.80 37.46
N PRO C 194 0.63 5.92 36.92
CA PRO C 194 1.97 6.28 36.44
C PRO C 194 2.00 7.18 35.19
N ALA C 195 0.97 7.13 34.35
CA ALA C 195 0.90 8.00 33.18
C ALA C 195 0.49 9.41 33.63
N ASP C 196 1.46 10.17 34.10
CA ASP C 196 1.16 11.36 34.90
C ASP C 196 1.65 12.68 34.31
N ALA C 197 2.16 12.66 33.09
CA ALA C 197 2.72 13.88 32.50
C ALA C 197 2.61 13.88 30.99
N ASP C 198 2.68 15.06 30.38
CA ASP C 198 2.48 15.15 28.93
C ASP C 198 3.77 14.87 28.17
N LEU C 199 4.84 14.57 28.90
CA LEU C 199 6.01 13.88 28.35
C LEU C 199 6.42 12.82 29.37
N PRO C 200 7.11 11.75 28.91
CA PRO C 200 7.44 10.68 29.87
C PRO C 200 8.32 11.17 31.02
N THR C 201 7.88 10.93 32.24
CA THR C 201 8.65 11.24 33.43
C THR C 201 9.88 10.35 33.45
N GLU C 202 11.04 10.93 33.74
CA GLU C 202 12.29 10.19 33.76
C GLU C 202 12.58 9.69 35.17
N ASN C 203 12.98 8.43 35.29
CA ASN C 203 13.35 7.87 36.60
C ASN C 203 14.76 7.29 36.54
N ILE C 204 15.38 7.13 37.71
CA ILE C 204 16.71 6.53 37.82
C ILE C 204 16.63 5.25 38.65
N TRP C 205 17.34 4.22 38.20
CA TRP C 205 17.22 2.88 38.77
C TRP C 205 18.55 2.31 39.25
N ASN C 206 18.51 1.63 40.39
CA ASN C 206 19.66 0.95 40.97
C ASN C 206 19.26 -0.46 41.42
N THR C 207 19.76 -1.46 40.71
CA THR C 207 19.36 -2.85 40.96
C THR C 207 19.84 -3.36 42.31
N SER C 208 21.07 -3.04 42.65
CA SER C 208 21.66 -3.56 43.88
C SER C 208 20.88 -3.17 45.13
N LYS C 209 20.46 -1.93 45.23
CA LYS C 209 19.69 -1.45 46.38
C LYS C 209 18.33 -2.14 46.43
N TYR C 210 17.70 -2.26 45.27
CA TYR C 210 16.41 -2.92 45.15
C TYR C 210 16.45 -4.38 45.63
N LEU C 211 17.44 -5.12 45.16
CA LEU C 211 17.56 -6.54 45.52
C LEU C 211 17.64 -6.76 47.04
N ARG C 212 18.19 -5.79 47.76
CA ARG C 212 18.36 -5.90 49.21
C ARG C 212 17.15 -5.46 50.03
N ILE C 213 16.32 -4.60 49.46
CA ILE C 213 15.16 -4.08 50.20
C ILE C 213 13.94 -5.02 50.18
N VAL C 214 13.69 -5.70 49.06
CA VAL C 214 12.43 -6.46 48.96
C VAL C 214 12.35 -7.59 50.01
N PRO C 215 13.46 -8.28 50.26
CA PRO C 215 13.34 -9.33 51.29
C PRO C 215 12.99 -8.75 52.68
N GLU C 216 13.49 -7.57 53.00
CA GLU C 216 13.16 -6.93 54.27
C GLU C 216 11.69 -6.53 54.32
N LEU C 217 11.15 -6.12 53.17
CA LEU C 217 9.74 -5.78 53.07
C LEU C 217 8.85 -6.99 53.38
N PHE C 218 9.14 -8.10 52.74
CA PHE C 218 8.34 -9.32 52.97
C PHE C 218 8.48 -9.85 54.40
N LYS C 219 9.69 -9.75 54.96
CA LYS C 219 9.91 -10.15 56.35
C LYS C 219 9.00 -9.35 57.29
N ALA C 220 9.02 -8.03 57.15
CA ALA C 220 8.18 -7.16 57.98
C ALA C 220 6.69 -7.39 57.73
N ALA C 221 6.34 -7.61 56.46
CA ALA C 221 4.96 -7.85 56.10
C ALA C 221 4.41 -9.08 56.81
N ARG C 222 5.15 -10.18 56.76
CA ARG C 222 4.67 -11.40 57.43
C ARG C 222 4.58 -11.21 58.94
N GLU C 223 5.53 -10.47 59.52
CA GLU C 223 5.52 -10.23 60.96
C GLU C 223 4.25 -9.51 61.43
N SER C 224 3.71 -8.62 60.60
CA SER C 224 2.50 -7.88 60.97
C SER C 224 1.20 -8.42 60.40
N LEU C 225 1.25 -9.01 59.20
N LEU C 225 1.27 -9.03 59.22
CA LEU C 225 0.04 -9.44 58.51
CA LEU C 225 0.07 -9.44 58.49
C LEU C 225 -0.28 -10.92 58.69
C LEU C 225 -0.26 -10.92 58.68
N GLY C 226 0.72 -11.71 59.08
CA GLY C 226 0.52 -13.13 59.25
C GLY C 226 0.67 -13.90 57.94
N TRP C 227 0.31 -15.18 57.98
CA TRP C 227 0.64 -16.11 56.91
C TRP C 227 -0.53 -16.55 56.03
N ASP C 228 -1.75 -16.13 56.38
CA ASP C 228 -2.91 -16.53 55.60
C ASP C 228 -3.15 -15.64 54.39
N VAL C 229 -2.88 -14.35 54.55
CA VAL C 229 -3.06 -13.40 53.45
C VAL C 229 -2.07 -13.68 52.30
N HIS C 230 -2.53 -13.51 51.07
CA HIS C 230 -1.67 -13.70 49.90
C HIS C 230 -0.91 -12.40 49.64
N LEU C 231 0.41 -12.51 49.46
CA LEU C 231 1.25 -11.33 49.28
C LEU C 231 1.98 -11.37 47.93
N LEU C 232 1.76 -10.35 47.12
CA LEU C 232 2.28 -10.31 45.76
C LEU C 232 3.32 -9.20 45.60
N HIS C 233 4.17 -9.32 44.58
CA HIS C 233 5.14 -8.27 44.31
C HIS C 233 5.44 -8.21 42.82
N ASP C 234 5.54 -6.99 42.29
CA ASP C 234 5.77 -6.75 40.88
C ASP C 234 7.19 -6.21 40.69
N ILE C 235 8.04 -7.01 40.05
CA ILE C 235 9.44 -6.65 39.79
C ILE C 235 9.52 -5.68 38.63
N HIS C 236 8.49 -5.67 37.81
CA HIS C 236 8.33 -4.67 36.76
C HIS C 236 9.50 -4.58 35.78
N HIS C 237 9.99 -5.74 35.35
CA HIS C 237 10.90 -5.86 34.20
C HIS C 237 12.33 -5.46 34.49
N ARG C 238 12.70 -5.31 35.76
CA ARG C 238 13.96 -4.64 36.09
C ARG C 238 15.18 -5.52 36.43
N LEU C 239 15.02 -6.84 36.35
CA LEU C 239 16.11 -7.74 36.69
C LEU C 239 16.56 -8.59 35.49
N THR C 240 17.82 -9.03 35.52
CA THR C 240 18.26 -10.06 34.58
C THR C 240 17.84 -11.41 35.15
N PRO C 241 17.86 -12.47 34.31
CA PRO C 241 17.36 -13.75 34.83
C PRO C 241 18.07 -14.26 36.08
N ILE C 242 19.40 -14.19 36.13
CA ILE C 242 20.10 -14.73 37.28
C ILE C 242 19.86 -13.87 38.53
N GLU C 243 19.60 -12.58 38.33
CA GLU C 243 19.22 -11.70 39.45
C GLU C 243 17.85 -12.07 40.00
N ALA C 244 16.91 -12.37 39.10
CA ALA C 244 15.55 -12.72 39.51
C ALA C 244 15.57 -14.08 40.23
N GLY C 245 16.43 -14.98 39.78
CA GLY C 245 16.61 -16.26 40.46
C GLY C 245 17.01 -16.04 41.92
N ARG C 246 17.95 -15.12 42.13
CA ARG C 246 18.39 -14.76 43.48
C ARG C 246 17.29 -14.10 44.30
N LEU C 247 16.58 -13.14 43.72
CA LEU C 247 15.50 -12.49 44.47
C LEU C 247 14.46 -13.54 44.87
N GLY C 248 14.16 -14.47 43.97
CA GLY C 248 13.26 -15.57 44.27
C GLY C 248 13.74 -16.38 45.46
N GLN C 249 15.00 -16.78 45.43
CA GLN C 249 15.59 -17.52 46.55
C GLN C 249 15.43 -16.75 47.87
N ASP C 250 15.67 -15.44 47.81
CA ASP C 250 15.59 -14.62 49.02
C ASP C 250 14.18 -14.42 49.52
N LEU C 251 13.18 -14.58 48.65
CA LEU C 251 11.79 -14.36 49.04
C LEU C 251 11.03 -15.65 49.38
N GLU C 252 11.59 -16.80 49.01
CA GLU C 252 10.95 -18.07 49.36
C GLU C 252 10.49 -18.19 50.82
N PRO C 253 11.32 -17.76 51.79
CA PRO C 253 10.89 -17.92 53.18
C PRO C 253 9.53 -17.27 53.49
N TYR C 254 9.16 -16.25 52.72
CA TYR C 254 7.96 -15.47 52.99
C TYR C 254 6.77 -15.90 52.14
N ARG C 255 7.00 -16.90 51.29
CA ARG C 255 5.91 -17.55 50.55
C ARG C 255 5.05 -16.57 49.74
N PRO C 256 5.68 -15.84 48.79
CA PRO C 256 4.93 -14.90 47.96
C PRO C 256 3.92 -15.62 47.07
N PHE C 257 2.74 -15.03 46.89
CA PHE C 257 1.73 -15.55 45.96
C PHE C 257 2.30 -15.58 44.54
N TRP C 258 2.93 -14.48 44.13
CA TRP C 258 3.75 -14.51 42.91
C TRP C 258 4.78 -13.39 42.90
N LEU C 259 5.80 -13.57 42.05
CA LEU C 259 6.73 -12.50 41.72
C LEU C 259 6.49 -12.25 40.26
N GLU C 260 6.18 -10.99 39.91
CA GLU C 260 5.63 -10.66 38.60
C GLU C 260 6.63 -9.93 37.71
N ASP C 261 6.62 -10.26 36.41
CA ASP C 261 7.43 -9.58 35.40
C ASP C 261 8.90 -9.47 35.80
N ALA C 262 9.48 -10.60 36.21
CA ALA C 262 10.84 -10.61 36.75
C ALA C 262 11.88 -10.05 35.78
N THR C 263 11.73 -10.37 34.50
CA THR C 263 12.73 -10.00 33.49
C THR C 263 11.98 -9.81 32.17
N PRO C 264 12.50 -8.94 31.28
CA PRO C 264 11.84 -8.79 29.98
C PRO C 264 11.74 -10.15 29.29
N ALA C 265 10.61 -10.38 28.62
CA ALA C 265 10.29 -11.72 28.15
C ALA C 265 10.07 -11.84 26.65
N GLU C 266 10.55 -10.88 25.85
CA GLU C 266 10.51 -11.05 24.40
C GLU C 266 11.22 -12.35 23.99
N ASN C 267 12.34 -12.64 24.67
CA ASN C 267 12.99 -13.93 24.56
C ASN C 267 12.39 -14.87 25.60
N GLN C 268 11.59 -15.84 25.14
CA GLN C 268 10.87 -16.67 26.10
C GLN C 268 11.78 -17.65 26.84
N GLU C 269 13.04 -17.76 26.40
CA GLU C 269 14.00 -18.54 27.18
C GLU C 269 14.50 -17.75 28.40
N ALA C 270 14.15 -16.47 28.49
CA ALA C 270 14.67 -15.64 29.58
C ALA C 270 14.25 -16.11 30.97
N PHE C 271 13.17 -16.88 31.07
CA PHE C 271 12.75 -17.36 32.39
C PHE C 271 13.42 -18.66 32.82
N ARG C 272 14.22 -19.26 31.94
CA ARG C 272 14.78 -20.59 32.25
C ARG C 272 15.66 -20.59 33.50
N LEU C 273 16.59 -19.64 33.60
CA LEU C 273 17.46 -19.56 34.77
C LEU C 273 16.69 -19.24 36.05
N ILE C 274 15.62 -18.47 35.93
CA ILE C 274 14.84 -18.13 37.10
C ILE C 274 14.22 -19.42 37.65
N ARG C 275 13.54 -20.15 36.78
CA ARG C 275 12.80 -21.36 37.15
C ARG C 275 13.74 -22.45 37.67
N GLN C 276 14.97 -22.46 37.17
CA GLN C 276 15.93 -23.45 37.59
C GLN C 276 16.37 -23.23 39.04
N HIS C 277 16.33 -21.98 39.49
CA HIS C 277 16.93 -21.60 40.75
C HIS C 277 15.97 -21.25 41.87
N THR C 278 14.71 -20.98 41.56
CA THR C 278 13.77 -20.66 42.64
C THR C 278 12.43 -21.39 42.52
N THR C 279 11.79 -21.63 43.67
CA THR C 279 10.43 -22.15 43.70
C THR C 279 9.41 -21.05 43.96
N ALA C 280 9.86 -19.79 44.02
CA ALA C 280 8.90 -18.69 44.15
C ALA C 280 7.99 -18.70 42.91
N PRO C 281 6.67 -18.65 43.11
CA PRO C 281 5.78 -18.67 41.93
C PRO C 281 5.99 -17.43 41.05
N LEU C 282 5.92 -17.61 39.73
CA LEU C 282 6.21 -16.53 38.80
C LEU C 282 4.99 -16.15 37.97
N ALA C 283 4.78 -14.85 37.77
CA ALA C 283 3.71 -14.37 36.91
C ALA C 283 4.30 -13.50 35.82
N VAL C 284 3.71 -13.51 34.63
CA VAL C 284 4.15 -12.57 33.59
C VAL C 284 3.03 -12.39 32.58
N GLY C 285 3.06 -11.27 31.84
CA GLY C 285 2.32 -11.21 30.60
C GLY C 285 1.31 -10.07 30.42
N GLU C 286 1.28 -9.09 31.32
CA GLU C 286 0.33 -7.99 31.14
C GLU C 286 0.55 -7.27 29.80
N ILE C 287 1.80 -7.25 29.31
CA ILE C 287 2.07 -6.59 28.03
C ILE C 287 2.02 -7.54 26.82
N PHE C 288 1.68 -8.81 27.03
CA PHE C 288 1.57 -9.74 25.89
C PHE C 288 0.31 -9.43 25.08
N ASN C 289 0.40 -9.54 23.76
CA ASN C 289 -0.82 -9.34 22.97
C ASN C 289 -1.33 -10.56 22.22
N SER C 290 -0.64 -11.69 22.35
CA SER C 290 -1.16 -12.93 21.76
C SER C 290 -0.54 -14.15 22.39
N ILE C 291 -1.13 -15.30 22.08
CA ILE C 291 -0.68 -16.56 22.64
C ILE C 291 0.76 -16.86 22.23
N TRP C 292 1.19 -16.28 21.11
CA TRP C 292 2.52 -16.50 20.58
C TRP C 292 3.61 -15.90 21.47
N ASP C 293 3.24 -14.92 22.29
CA ASP C 293 4.15 -14.33 23.27
C ASP C 293 4.36 -15.23 24.50
N ALA C 294 3.49 -16.22 24.69
CA ALA C 294 3.49 -17.01 25.92
C ALA C 294 3.64 -18.51 25.71
N LYS C 295 3.56 -18.95 24.45
CA LYS C 295 3.47 -20.38 24.17
C LYS C 295 4.61 -21.20 24.77
N ASP C 296 5.83 -20.70 24.66
CA ASP C 296 6.98 -21.44 25.20
C ASP C 296 7.13 -21.27 26.71
N LEU C 297 6.82 -20.09 27.23
CA LEU C 297 6.84 -19.89 28.68
C LEU C 297 5.88 -20.88 29.33
N ILE C 298 4.77 -21.14 28.67
CA ILE C 298 3.76 -22.05 29.21
C ILE C 298 4.21 -23.50 29.02
N GLN C 299 4.54 -23.87 27.81
CA GLN C 299 4.82 -25.28 27.53
C GLN C 299 6.09 -25.79 28.22
N ASN C 300 7.02 -24.88 28.50
CA ASN C 300 8.26 -25.25 29.20
C ASN C 300 8.12 -25.08 30.71
N GLN C 301 6.90 -24.78 31.16
CA GLN C 301 6.60 -24.65 32.59
C GLN C 301 7.49 -23.65 33.30
N LEU C 302 7.54 -22.45 32.75
CA LEU C 302 8.45 -21.43 33.25
C LEU C 302 7.73 -20.42 34.09
N ILE C 303 6.40 -20.47 34.10
CA ILE C 303 5.61 -19.54 34.90
C ILE C 303 4.45 -20.26 35.57
N ASP C 304 3.88 -19.64 36.61
CA ASP C 304 2.72 -20.17 37.32
C ASP C 304 1.40 -19.44 37.03
N TYR C 305 1.51 -18.17 36.61
CA TYR C 305 0.35 -17.34 36.33
C TYR C 305 0.58 -16.56 35.03
N ILE C 306 -0.45 -16.52 34.20
CA ILE C 306 -0.41 -15.74 32.96
C ILE C 306 -1.26 -14.49 33.12
N ARG C 307 -0.66 -13.32 32.86
CA ARG C 307 -1.28 -12.02 33.18
C ARG C 307 -1.99 -11.32 32.03
N ALA C 308 -2.03 -11.95 30.86
CA ALA C 308 -2.65 -11.33 29.68
C ALA C 308 -4.11 -10.93 29.94
N THR C 309 -4.55 -9.86 29.29
CA THR C 309 -5.91 -9.33 29.52
C THR C 309 -6.79 -9.41 28.29
N VAL C 310 -8.10 -9.24 28.51
CA VAL C 310 -9.05 -9.26 27.43
C VAL C 310 -8.75 -8.14 26.45
N VAL C 311 -8.43 -6.95 26.97
CA VAL C 311 -8.27 -5.77 26.12
C VAL C 311 -6.96 -5.77 25.32
N HIS C 312 -5.90 -6.34 25.87
CA HIS C 312 -4.61 -6.25 25.17
C HIS C 312 -4.18 -7.51 24.44
N ALA C 313 -4.86 -8.62 24.72
CA ALA C 313 -4.50 -9.90 24.09
C ALA C 313 -5.63 -10.48 23.24
N GLY C 314 -6.33 -9.61 22.50
CA GLY C 314 -7.21 -10.07 21.45
C GLY C 314 -8.60 -10.50 21.88
N GLY C 315 -9.05 -10.04 23.04
CA GLY C 315 -10.43 -10.24 23.46
C GLY C 315 -10.72 -11.55 24.18
N ILE C 316 -12.00 -11.80 24.44
CA ILE C 316 -12.41 -13.02 25.12
C ILE C 316 -12.07 -14.25 24.29
N THR C 317 -12.34 -14.18 22.98
CA THR C 317 -12.07 -15.28 22.08
C THR C 317 -10.63 -15.79 22.24
N HIS C 318 -9.68 -14.87 22.15
CA HIS C 318 -8.27 -15.27 22.22
C HIS C 318 -7.79 -15.55 23.65
N LEU C 319 -8.23 -14.75 24.60
CA LEU C 319 -7.78 -14.97 25.98
C LEU C 319 -8.17 -16.38 26.47
N ARG C 320 -9.32 -16.86 26.02
N ARG C 320 -9.31 -16.87 26.03
CA ARG C 320 -9.77 -18.20 26.38
CA ARG C 320 -9.73 -18.22 26.44
C ARG C 320 -8.78 -19.27 25.90
C ARG C 320 -8.83 -19.32 25.86
N ARG C 321 -8.21 -19.04 24.72
CA ARG C 321 -7.25 -20.00 24.14
C ARG C 321 -5.92 -19.99 24.89
N ILE C 322 -5.51 -18.80 25.32
CA ILE C 322 -4.33 -18.67 26.18
C ILE C 322 -4.55 -19.44 27.50
N ALA C 323 -5.72 -19.22 28.12
CA ALA C 323 -6.04 -19.92 29.37
C ALA C 323 -6.09 -21.43 29.19
N ALA C 324 -6.62 -21.89 28.06
CA ALA C 324 -6.75 -23.34 27.84
C ALA C 324 -5.37 -23.99 27.71
N LEU C 325 -4.45 -23.30 27.06
CA LEU C 325 -3.08 -23.84 26.93
C LEU C 325 -2.43 -23.89 28.31
N ALA C 326 -2.59 -22.80 29.07
CA ALA C 326 -2.04 -22.71 30.41
C ALA C 326 -2.55 -23.84 31.30
N ASP C 327 -3.85 -24.12 31.20
CA ASP C 327 -4.50 -25.16 32.01
C ASP C 327 -3.83 -26.53 31.92
N LEU C 328 -3.29 -26.87 30.74
CA LEU C 328 -2.62 -28.16 30.56
C LEU C 328 -1.41 -28.32 31.45
N TYR C 329 -0.83 -27.20 31.88
CA TYR C 329 0.37 -27.22 32.72
C TYR C 329 0.08 -26.68 34.13
N GLN C 330 -1.20 -26.65 34.49
CA GLN C 330 -1.65 -26.17 35.81
C GLN C 330 -1.26 -24.72 36.04
N ILE C 331 -1.09 -23.98 34.96
CA ILE C 331 -0.84 -22.54 35.05
C ILE C 331 -2.20 -21.82 35.14
N ARG C 332 -2.30 -20.84 36.04
CA ARG C 332 -3.59 -20.16 36.27
C ARG C 332 -3.60 -18.73 35.73
N THR C 333 -4.80 -18.18 35.53
CA THR C 333 -4.95 -16.82 35.04
C THR C 333 -4.75 -15.81 36.16
N GLY C 334 -4.13 -14.69 35.84
CA GLY C 334 -3.95 -13.62 36.81
C GLY C 334 -4.03 -12.28 36.10
N CYS C 335 -5.18 -12.03 35.46
CA CYS C 335 -5.34 -10.85 34.62
C CYS C 335 -4.90 -9.54 35.26
N HIS C 336 -4.11 -8.78 34.50
CA HIS C 336 -3.72 -7.41 34.82
C HIS C 336 -5.02 -6.61 34.99
N GLY C 337 -4.99 -5.61 35.86
CA GLY C 337 -6.20 -4.88 36.22
C GLY C 337 -5.92 -3.48 36.73
N ALA C 338 -4.91 -2.83 36.14
CA ALA C 338 -4.59 -1.45 36.48
C ALA C 338 -5.66 -0.48 35.98
N THR C 339 -5.55 0.80 36.35
CA THR C 339 -6.60 1.76 36.03
C THR C 339 -6.75 2.01 34.54
N ASP C 340 -5.72 1.70 33.76
CA ASP C 340 -5.74 2.00 32.33
C ASP C 340 -6.54 0.99 31.52
N LEU C 341 -7.13 0.01 32.21
CA LEU C 341 -8.13 -0.87 31.60
C LEU C 341 -9.48 -0.37 32.08
N SER C 342 -10.35 -0.01 31.14
CA SER C 342 -11.61 0.64 31.52
C SER C 342 -12.60 -0.33 32.16
N PRO C 343 -13.67 0.21 32.77
CA PRO C 343 -14.75 -0.64 33.30
C PRO C 343 -15.34 -1.57 32.23
N VAL C 344 -15.21 -1.21 30.96
CA VAL C 344 -15.67 -2.12 29.91
C VAL C 344 -14.78 -3.37 29.91
N CYS C 345 -13.47 -3.17 30.00
CA CYS C 345 -12.54 -4.28 30.13
C CYS C 345 -12.80 -5.07 31.41
N MET C 346 -13.01 -4.38 32.52
CA MET C 346 -13.19 -5.06 33.80
C MET C 346 -14.43 -5.94 33.78
N ALA C 347 -15.50 -5.45 33.14
CA ALA C 347 -16.70 -6.25 32.98
C ALA C 347 -16.38 -7.54 32.21
N ALA C 348 -15.68 -7.41 31.10
CA ALA C 348 -15.31 -8.58 30.30
C ALA C 348 -14.40 -9.51 31.09
N ALA C 349 -13.44 -8.92 31.79
CA ALA C 349 -12.49 -9.70 32.59
C ALA C 349 -13.21 -10.53 33.66
N LEU C 350 -14.22 -9.94 34.29
CA LEU C 350 -14.95 -10.62 35.35
C LEU C 350 -15.85 -11.74 34.81
N HIS C 351 -16.44 -11.53 33.64
CA HIS C 351 -17.18 -12.61 32.98
C HIS C 351 -16.24 -13.78 32.64
N PHE C 352 -15.07 -13.44 32.10
CA PHE C 352 -14.01 -14.41 31.86
C PHE C 352 -13.57 -15.12 33.16
N ASP C 353 -13.26 -14.33 34.18
CA ASP C 353 -12.77 -14.88 35.45
C ASP C 353 -13.78 -15.80 36.12
N LEU C 354 -15.07 -15.47 36.08
CA LEU C 354 -16.06 -16.29 36.76
C LEU C 354 -16.23 -17.65 36.10
N SER C 355 -15.92 -17.74 34.80
CA SER C 355 -16.18 -18.97 34.04
C SER C 355 -14.95 -19.83 33.74
N VAL C 356 -13.77 -19.22 33.65
CA VAL C 356 -12.58 -19.98 33.24
C VAL C 356 -12.19 -21.02 34.32
N PRO C 357 -11.91 -22.27 33.93
CA PRO C 357 -11.68 -23.22 35.03
C PRO C 357 -10.41 -22.93 35.84
N ASN C 358 -9.34 -22.55 35.16
CA ASN C 358 -8.05 -22.32 35.83
C ASN C 358 -7.81 -20.86 36.26
N PHE C 359 -8.82 -20.27 36.90
CA PHE C 359 -8.68 -18.95 37.46
C PHE C 359 -7.68 -18.92 38.61
N GLY C 360 -6.85 -17.88 38.66
CA GLY C 360 -5.90 -17.69 39.74
C GLY C 360 -6.28 -16.50 40.62
N ILE C 361 -6.25 -15.31 40.03
CA ILE C 361 -6.59 -14.09 40.76
C ILE C 361 -6.88 -12.98 39.75
N GLN C 362 -7.57 -11.93 40.19
CA GLN C 362 -7.82 -10.76 39.34
C GLN C 362 -7.29 -9.51 40.02
N GLU C 363 -6.41 -8.79 39.33
CA GLU C 363 -5.94 -7.52 39.86
C GLU C 363 -7.08 -6.51 39.88
N TYR C 364 -7.19 -5.72 40.95
CA TYR C 364 -8.25 -4.71 41.03
C TYR C 364 -7.73 -3.36 41.59
N MET C 365 -7.41 -2.44 40.68
CA MET C 365 -7.18 -1.03 41.07
C MET C 365 -8.48 -0.26 40.92
N ARG C 366 -8.83 0.56 41.91
CA ARG C 366 -10.10 1.26 41.88
C ARG C 366 -10.08 2.42 40.88
N HIS C 367 -11.14 2.57 40.10
CA HIS C 367 -11.25 3.69 39.18
C HIS C 367 -11.73 4.94 39.91
N MET C 368 -11.49 6.10 39.31
CA MET C 368 -11.99 7.37 39.85
C MET C 368 -13.51 7.42 39.76
N PRO C 369 -14.15 8.18 40.65
CA PRO C 369 -15.61 8.28 40.60
C PRO C 369 -16.13 8.74 39.25
N GLU C 370 -15.42 9.67 38.60
CA GLU C 370 -15.83 10.19 37.30
C GLU C 370 -15.81 9.07 36.24
N THR C 371 -14.85 8.16 36.36
CA THR C 371 -14.76 7.04 35.44
C THR C 371 -15.97 6.12 35.62
N ASP C 372 -16.29 5.79 36.85
CA ASP C 372 -17.46 4.96 37.12
C ASP C 372 -18.75 5.58 36.59
N ALA C 373 -18.83 6.91 36.62
CA ALA C 373 -20.03 7.59 36.16
C ALA C 373 -20.16 7.52 34.64
N VAL C 374 -19.03 7.61 33.96
CA VAL C 374 -19.03 7.57 32.50
C VAL C 374 -19.35 6.17 32.00
N PHE C 375 -18.96 5.16 32.80
CA PHE C 375 -19.14 3.77 32.44
C PHE C 375 -19.99 3.00 33.46
N PRO C 376 -21.30 3.28 33.51
CA PRO C 376 -22.17 2.54 34.44
C PRO C 376 -22.05 1.03 34.21
N HIS C 377 -21.96 0.27 35.29
CA HIS C 377 -21.73 -1.17 35.15
C HIS C 377 -22.41 -1.96 36.26
N ALA C 378 -22.61 -3.24 36.01
CA ALA C 378 -23.31 -4.10 36.96
C ALA C 378 -22.35 -4.84 37.89
N TYR C 379 -21.05 -4.85 37.61
CA TYR C 379 -20.14 -5.64 38.44
C TYR C 379 -19.98 -5.05 39.84
N THR C 380 -19.74 -5.91 40.82
CA THR C 380 -19.70 -5.49 42.21
C THR C 380 -18.46 -5.99 42.94
N PHE C 381 -18.14 -5.34 44.05
CA PHE C 381 -17.01 -5.73 44.88
C PHE C 381 -17.44 -5.75 46.34
N ALA C 382 -17.08 -6.82 47.04
CA ALA C 382 -17.39 -6.91 48.47
C ALA C 382 -16.56 -8.00 49.13
N ASP C 383 -16.02 -7.68 50.30
CA ASP C 383 -15.30 -8.65 51.11
C ASP C 383 -14.20 -9.36 50.33
N GLY C 384 -13.45 -8.57 49.56
CA GLY C 384 -12.32 -9.09 48.81
C GLY C 384 -12.66 -9.83 47.53
N MET C 385 -13.94 -9.84 47.16
CA MET C 385 -14.38 -10.63 46.00
C MET C 385 -15.22 -9.79 45.05
N MET C 386 -15.10 -10.06 43.75
CA MET C 386 -15.92 -9.38 42.76
C MET C 386 -16.86 -10.35 42.03
N HIS C 387 -17.86 -9.81 41.35
CA HIS C 387 -18.75 -10.62 40.53
C HIS C 387 -19.18 -9.76 39.35
N PRO C 388 -19.28 -10.35 38.14
CA PRO C 388 -19.64 -9.57 36.96
C PRO C 388 -21.11 -9.10 36.93
N GLY C 389 -21.96 -9.71 37.74
CA GLY C 389 -23.38 -9.37 37.70
C GLY C 389 -24.11 -10.23 36.69
N ASP C 390 -25.43 -10.11 36.65
CA ASP C 390 -26.22 -10.98 35.79
C ASP C 390 -27.04 -10.26 34.72
N GLN C 391 -26.69 -9.01 34.45
CA GLN C 391 -27.26 -8.28 33.33
C GLN C 391 -26.91 -8.99 32.02
N PRO C 392 -27.77 -8.87 31.01
CA PRO C 392 -27.45 -9.46 29.71
C PRO C 392 -26.19 -8.81 29.11
N GLY C 393 -25.42 -9.59 28.36
CA GLY C 393 -24.20 -9.09 27.75
C GLY C 393 -23.11 -8.90 28.79
N LEU C 394 -22.31 -7.85 28.62
CA LEU C 394 -21.22 -7.57 29.55
C LEU C 394 -21.70 -6.89 30.83
N GLY C 395 -22.85 -6.23 30.77
CA GLY C 395 -23.33 -5.50 31.93
C GLY C 395 -22.65 -4.16 32.13
N VAL C 396 -22.32 -3.50 31.03
CA VAL C 396 -21.67 -2.20 31.11
C VAL C 396 -22.20 -1.29 30.02
N ASP C 397 -22.22 0.01 30.28
CA ASP C 397 -22.65 0.98 29.29
C ASP C 397 -21.69 2.17 29.28
N ILE C 398 -21.87 3.08 28.33
CA ILE C 398 -21.14 4.36 28.37
C ILE C 398 -22.11 5.52 28.21
N ASP C 399 -22.01 6.49 29.11
CA ASP C 399 -22.82 7.71 29.05
C ASP C 399 -22.12 8.69 28.12
N GLU C 400 -22.57 8.74 26.87
CA GLU C 400 -21.87 9.51 25.84
C GLU C 400 -21.85 11.01 26.12
N ASP C 401 -22.96 11.53 26.63
CA ASP C 401 -23.04 12.96 26.95
C ASP C 401 -22.08 13.33 28.07
N LEU C 402 -22.02 12.49 29.10
CA LEU C 402 -21.09 12.70 30.20
C LEU C 402 -19.65 12.58 29.70
N ALA C 403 -19.40 11.58 28.86
CA ALA C 403 -18.07 11.34 28.30
C ALA C 403 -17.55 12.55 27.52
N ALA C 404 -18.44 13.22 26.78
CA ALA C 404 -18.06 14.34 25.93
C ALA C 404 -17.55 15.52 26.73
N GLY C 405 -17.87 15.53 28.03
CA GLY C 405 -17.44 16.60 28.92
C GLY C 405 -16.02 16.45 29.44
N TYR C 406 -15.41 15.30 29.17
CA TYR C 406 -14.04 15.06 29.59
C TYR C 406 -13.15 14.86 28.37
N GLU C 407 -12.46 15.91 27.94
CA GLU C 407 -11.64 15.85 26.75
C GLU C 407 -10.32 15.11 26.97
N TYR C 408 -9.90 14.39 25.94
CA TYR C 408 -8.60 13.73 25.91
C TYR C 408 -7.49 14.66 26.41
N LYS C 409 -6.59 14.11 27.22
CA LYS C 409 -5.42 14.84 27.70
C LYS C 409 -4.21 13.93 27.55
N ARG C 410 -3.27 14.33 26.68
N ARG C 410 -3.28 14.32 26.69
CA ARG C 410 -2.08 13.51 26.43
CA ARG C 410 -2.08 13.53 26.42
C ARG C 410 -1.38 13.15 27.74
C ARG C 410 -1.36 13.16 27.71
N ALA C 411 -1.07 11.87 27.90
CA ALA C 411 -0.36 11.40 29.10
C ALA C 411 0.47 10.17 28.78
N PHE C 412 1.75 10.22 29.10
CA PHE C 412 2.69 9.13 28.79
C PHE C 412 3.04 8.30 30.01
N LEU C 413 3.31 7.01 29.79
CA LEU C 413 3.95 6.22 30.82
C LEU C 413 5.37 6.70 31.04
N PRO C 414 5.89 6.52 32.26
CA PRO C 414 7.27 6.93 32.54
C PRO C 414 8.31 6.09 31.83
N VAL C 415 9.55 6.59 31.86
CA VAL C 415 10.70 5.80 31.43
C VAL C 415 11.71 5.70 32.58
N ASN C 416 12.65 4.78 32.43
CA ASN C 416 13.58 4.42 33.49
C ASN C 416 14.97 4.34 32.86
N ARG C 417 15.96 4.92 33.53
CA ARG C 417 17.34 4.82 33.09
C ARG C 417 18.23 4.36 34.23
N LEU C 418 19.35 3.74 33.89
CA LEU C 418 20.35 3.40 34.89
C LEU C 418 21.08 4.67 35.34
N GLU C 419 21.93 4.53 36.35
CA GLU C 419 22.59 5.71 36.93
C GLU C 419 23.61 6.36 35.98
N ASP C 420 24.10 5.61 35.01
CA ASP C 420 24.99 6.18 34.00
C ASP C 420 24.22 6.75 32.81
N GLY C 421 22.89 6.69 32.87
CA GLY C 421 22.07 7.26 31.81
C GLY C 421 21.54 6.26 30.79
N THR C 422 21.98 5.01 30.88
CA THR C 422 21.56 3.97 29.95
C THR C 422 20.04 3.78 29.97
N MET C 423 19.41 3.76 28.80
CA MET C 423 17.97 3.44 28.75
C MET C 423 17.74 2.07 29.37
N PHE C 424 16.70 1.95 30.20
CA PHE C 424 16.41 0.71 30.90
C PHE C 424 14.90 0.44 30.86
N ASN C 425 14.47 -0.60 31.56
CA ASN C 425 13.06 -0.98 31.54
C ASN C 425 12.30 -0.29 32.66
N TRP C 426 11.20 0.39 32.33
CA TRP C 426 10.35 0.94 33.38
C TRP C 426 9.33 -0.12 33.81
MG MG D . -7.41 19.17 -32.32
CL CL E . -17.02 11.97 -48.27
C1 GOL F . 10.82 28.20 -29.55
O1 GOL F . 11.24 28.07 -28.21
C2 GOL F . 10.27 26.89 -30.06
O2 GOL F . 10.11 26.91 -31.47
C3 GOL F . 8.98 26.50 -29.32
O3 GOL F . 8.05 27.57 -29.22
C1 GOL G . -13.18 14.68 -33.46
O1 GOL G . -13.68 13.37 -33.40
C2 GOL G . -12.51 15.06 -32.15
O2 GOL G . -11.44 14.16 -31.92
C3 GOL G . -11.94 16.47 -32.33
O3 GOL G . -12.09 17.25 -31.17
UNK UNX H . -6.88 17.35 -30.95
UNK UNX I . -7.66 15.81 -29.78
MG MG J . 6.10 -12.08 -0.23
CL CL K . 1.27 -2.75 16.76
C1 GOL L . 2.16 -6.20 1.69
O1 GOL L . 1.96 -4.81 1.65
C2 GOL L . 2.49 -6.71 0.29
O2 GOL L . 3.74 -6.18 -0.11
C3 GOL L . 2.57 -8.22 0.36
O3 GOL L . 2.21 -8.78 -0.88
C1 GOL M . 31.50 0.05 -4.48
O1 GOL M . 30.12 -0.22 -4.34
C2 GOL M . 31.76 1.55 -4.39
O2 GOL M . 30.56 2.27 -4.57
C3 GOL M . 32.38 1.89 -3.03
O3 GOL M . 32.45 3.30 -2.88
C1 GOL N . 19.15 -23.82 -5.33
O1 GOL N . 17.89 -24.48 -5.24
C2 GOL N . 20.31 -24.66 -4.77
O2 GOL N . 20.31 -24.67 -3.36
C3 GOL N . 20.28 -26.08 -5.31
O3 GOL N . 20.60 -26.05 -6.68
UNK UNX O . 6.92 -10.44 -1.74
UNK UNX P . 6.44 -8.73 -2.75
MG MG Q . 2.63 -5.34 36.53
C1 GOL R . 0.68 0.08 31.99
O1 GOL R . -0.30 1.00 31.55
C2 GOL R . 0.63 -0.03 33.51
O2 GOL R . -0.60 -0.63 33.91
C3 GOL R . 1.77 -0.95 33.92
O3 GOL R . 2.45 -0.44 35.05
C1 GOL S . 22.82 -10.75 43.44
O1 GOL S . 22.68 -9.77 44.44
C2 GOL S . 23.50 -10.15 42.22
O2 GOL S . 23.22 -10.91 41.06
C3 GOL S . 25.02 -10.03 42.44
O3 GOL S . 25.56 -11.19 43.03
C1 GOL T . -23.88 -18.09 38.73
O1 GOL T . -25.24 -18.03 38.31
C2 GOL T . -23.76 -17.53 40.15
O2 GOL T . -23.52 -16.14 40.07
C3 GOL T . -22.60 -18.20 40.86
O3 GOL T . -21.40 -17.51 40.55
UNK UNX U . 0.64 -4.65 37.47
UNK UNX V . -0.66 -3.05 37.74
#